data_7EEW
#
_entry.id   7EEW
#
_cell.length_a   133.280
_cell.length_b   133.280
_cell.length_c   236.808
_cell.angle_alpha   90.000
_cell.angle_beta   90.000
_cell.angle_gamma   120.000
#
_symmetry.space_group_name_H-M   'P 65 2 2'
#
loop_
_entity.id
_entity.type
_entity.pdbx_description
1 polymer 'Type I restriction-modification system methyltransferase subunit'
2 polymer 'Overcome classical restriction gp0.3'
3 non-polymer S-ADENOSYL-L-HOMOCYSTEINE
4 water water
#
loop_
_entity_poly.entity_id
_entity_poly.type
_entity_poly.pdbx_seq_one_letter_code
_entity_poly.pdbx_strand_id
1 'polypeptide(L)'
;MNNKLMNIIELIRKDTGINNAIDAVEQLALLLLVRYTHEVASNEISKENHIDSFKNLFFDLNDFSKDGLVIDFYTLRDKL
NHIVVNCRFSENELSHSVFSRNNWEKIENILDQIPFRIRSTKILDLVIHRLEELDLSEGIEIDFDHLLLNMVKDSGSSGA
YYSPRPLIKAMVRVLNPKPLATVYDPAMGTGGVFVEAKKHAKGKSCFNGLSFIGNDLSPFAHLIGALNLLLNDIDISGVS
ISDSLLDRDCQQYDFVISGVPFGKVNELTKYEYYYHGYSGSLEAMFLKHTMDKLAKGGRAAIVIPDGILFGNASHLDELK
RQLLTQFNLHAVLSLPKGTLAPYSGVKVSVLFFDNTVSEKDIWFYELRTNKPLSKVNSITDSDFEDFTSLYERREVSENS
CLISKESLLQDKTLNLSFSLPKTEAGLKFDKQEMIASLKSEQLSLVTSIENHFDYMSLNLECKYIHQVKLKDICKLRSGD
KLNKSEVMDSGEFPVYGGNGVIGFNVEPNRHGDSIVIGKVGAHCGNIHFSTQPYWLTSNAMSLELLDTTKVYLPYLAHVL
KSLELNNLATGTAQKFISINKLYEVEVSLPSLEKQREMSEWFTSIEESKSKIQSLLADFSRNLGTISTESITEKALKG
;
A
2 'polypeptide(L)'
;MAMSNMTYNNVFDHAYEMLKENIRYDDIRDTDDLHDAIHMAADNAVPHYYADIFSVMASEGIDLEFEDSGLMPDTKDVIR
ILQARIYEQLTIDLWEDAEDLLNEYLEEVEEYEEDEE
;
B
#
# COMPACT_ATOMS: atom_id res chain seq x y z
N ASN A 3 -30.56 -11.30 38.60
CA ASN A 3 -30.71 -10.72 39.93
C ASN A 3 -31.34 -11.72 40.91
N LYS A 4 -32.60 -12.08 40.65
CA LYS A 4 -33.21 -13.15 41.43
C LYS A 4 -32.52 -14.48 41.18
N LEU A 5 -32.06 -14.71 39.96
CA LEU A 5 -31.39 -15.96 39.63
C LEU A 5 -30.04 -16.10 40.33
N MET A 6 -29.42 -14.99 40.72
CA MET A 6 -28.15 -15.08 41.42
C MET A 6 -28.32 -15.69 42.80
N ASN A 7 -29.45 -15.43 43.45
CA ASN A 7 -29.71 -16.04 44.76
C ASN A 7 -29.87 -17.55 44.63
N ILE A 8 -30.45 -18.01 43.53
CA ILE A 8 -30.56 -19.44 43.29
C ILE A 8 -29.17 -20.06 43.13
N ILE A 9 -28.29 -19.38 42.41
CA ILE A 9 -26.92 -19.86 42.26
C ILE A 9 -26.22 -19.91 43.61
N GLU A 10 -26.48 -18.92 44.47
CA GLU A 10 -25.89 -18.93 45.81
C GLU A 10 -26.52 -20.01 46.69
N LEU A 11 -27.78 -20.39 46.41
CA LEU A 11 -28.39 -21.47 47.17
C LEU A 11 -27.76 -22.81 46.82
N ILE A 12 -27.51 -23.06 45.54
CA ILE A 12 -26.80 -24.27 45.12
C ILE A 12 -25.38 -24.19 45.64
N ARG A 13 -25.05 -25.01 46.64
CA ARG A 13 -23.80 -24.82 47.37
C ARG A 13 -22.97 -26.09 47.54
N LYS A 14 -23.27 -26.86 48.58
CA LYS A 14 -22.26 -27.75 49.15
C LYS A 14 -22.14 -29.07 48.40
N ASP A 15 -23.26 -29.65 47.94
CA ASP A 15 -23.21 -31.04 47.49
C ASP A 15 -22.41 -31.18 46.20
N THR A 16 -22.67 -30.34 45.21
CA THR A 16 -21.72 -30.23 44.11
C THR A 16 -20.40 -29.68 44.65
N GLY A 17 -20.42 -28.43 45.11
CA GLY A 17 -19.34 -27.88 45.92
C GLY A 17 -17.94 -28.01 45.36
N ILE A 18 -17.79 -27.84 44.04
CA ILE A 18 -16.46 -27.90 43.44
C ILE A 18 -16.43 -27.00 42.20
N ASN A 19 -17.50 -27.03 41.41
CA ASN A 19 -17.61 -26.24 40.19
C ASN A 19 -18.75 -25.24 40.33
N ASN A 20 -18.54 -24.24 41.20
CA ASN A 20 -19.52 -23.17 41.35
C ASN A 20 -19.69 -22.37 40.07
N ALA A 21 -18.70 -22.39 39.17
CA ALA A 21 -18.75 -21.55 38.00
C ALA A 21 -19.87 -21.96 37.04
N ILE A 22 -19.80 -23.19 36.54
CA ILE A 22 -20.72 -23.63 35.50
C ILE A 22 -21.70 -24.70 35.97
N ASP A 23 -21.33 -25.53 36.95
CA ASP A 23 -22.27 -26.55 37.42
C ASP A 23 -23.49 -25.92 38.05
N ALA A 24 -23.32 -24.82 38.78
CA ALA A 24 -24.46 -24.11 39.35
C ALA A 24 -25.36 -23.55 38.26
N VAL A 25 -24.77 -22.96 37.22
CA VAL A 25 -25.55 -22.46 36.10
C VAL A 25 -26.20 -23.61 35.34
N GLU A 26 -25.51 -24.74 35.25
CA GLU A 26 -26.07 -25.91 34.58
C GLU A 26 -27.25 -26.46 35.36
N GLN A 27 -27.13 -26.54 36.69
CA GLN A 27 -28.24 -27.04 37.50
C GLN A 27 -29.42 -26.08 37.49
N LEU A 28 -29.15 -24.77 37.57
CA LEU A 28 -30.22 -23.78 37.50
C LEU A 28 -30.99 -23.89 36.20
N ALA A 29 -30.27 -23.89 35.08
CA ALA A 29 -30.94 -24.00 33.78
C ALA A 29 -31.70 -25.32 33.65
N LEU A 30 -31.23 -26.37 34.32
CA LEU A 30 -31.94 -27.64 34.31
C LEU A 30 -33.24 -27.53 35.09
N LEU A 31 -33.20 -26.91 36.27
CA LEU A 31 -34.42 -26.71 37.05
C LEU A 31 -35.30 -25.65 36.43
N LEU A 32 -34.70 -24.59 35.87
CA LEU A 32 -35.50 -23.52 35.28
C LEU A 32 -36.27 -24.01 34.06
N LEU A 33 -35.67 -24.91 33.28
CA LEU A 33 -36.37 -25.44 32.11
C LEU A 33 -37.50 -26.38 32.52
N VAL A 34 -37.28 -27.19 33.56
CA VAL A 34 -38.33 -28.06 34.06
C VAL A 34 -39.51 -27.23 34.58
N ARG A 35 -39.22 -26.12 35.25
CA ARG A 35 -40.29 -25.27 35.73
C ARG A 35 -41.00 -24.57 34.58
N TYR A 36 -40.26 -24.21 33.53
CA TYR A 36 -40.88 -23.55 32.38
C TYR A 36 -41.93 -24.45 31.74
N THR A 37 -41.59 -25.71 31.49
CA THR A 37 -42.57 -26.64 30.94
C THR A 37 -43.75 -26.84 31.88
N HIS A 38 -43.47 -26.98 33.18
CA HIS A 38 -44.55 -27.13 34.15
C HIS A 38 -45.41 -25.88 34.24
N GLU A 39 -44.77 -24.70 34.26
CA GLU A 39 -45.54 -23.46 34.38
C GLU A 39 -46.26 -23.11 33.09
N VAL A 40 -45.72 -23.53 31.95
CA VAL A 40 -46.42 -23.35 30.68
C VAL A 40 -47.58 -24.33 30.58
N ALA A 41 -47.38 -25.57 31.03
CA ALA A 41 -48.43 -26.58 30.95
C ALA A 41 -49.60 -26.26 31.88
N SER A 42 -49.39 -25.44 32.90
CA SER A 42 -50.46 -25.14 33.85
C SER A 42 -51.61 -24.40 33.17
N ASN A 43 -51.29 -23.40 32.36
CA ASN A 43 -52.30 -22.60 31.67
C ASN A 43 -52.68 -23.16 30.31
N GLU A 44 -51.98 -24.17 29.82
CA GLU A 44 -52.25 -24.68 28.47
C GLU A 44 -53.52 -25.52 28.42
N ILE A 45 -53.74 -26.39 29.40
CA ILE A 45 -54.92 -27.25 29.36
C ILE A 45 -55.45 -27.51 30.77
N SER A 46 -54.64 -27.26 31.79
CA SER A 46 -55.08 -27.53 33.15
C SER A 46 -56.10 -26.49 33.62
N LYS A 47 -55.83 -25.21 33.37
CA LYS A 47 -56.65 -24.11 33.86
C LYS A 47 -56.83 -24.25 35.37
N GLU A 48 -58.05 -24.55 35.80
CA GLU A 48 -58.31 -24.79 37.22
C GLU A 48 -59.53 -25.70 37.33
N ASN A 49 -59.32 -26.87 37.94
CA ASN A 49 -60.37 -27.79 38.42
C ASN A 49 -60.97 -28.67 37.32
N HIS A 50 -61.07 -28.18 36.09
CA HIS A 50 -61.60 -29.02 35.02
C HIS A 50 -60.77 -30.28 34.85
N ILE A 51 -59.45 -30.12 34.88
CA ILE A 51 -58.50 -31.24 35.02
C ILE A 51 -57.29 -30.69 35.77
N ASP A 52 -57.09 -31.16 37.00
CA ASP A 52 -56.12 -30.55 37.89
C ASP A 52 -54.78 -31.24 37.79
N SER A 53 -53.71 -30.47 37.99
CA SER A 53 -52.35 -30.98 37.85
C SER A 53 -51.55 -30.66 39.10
N PHE A 54 -50.89 -31.68 39.64
CA PHE A 54 -49.98 -31.50 40.76
C PHE A 54 -48.82 -30.60 40.36
N LYS A 55 -48.41 -29.73 41.27
CA LYS A 55 -47.45 -28.67 40.97
C LYS A 55 -46.20 -28.80 41.85
N ASN A 56 -45.03 -28.80 41.21
CA ASN A 56 -43.74 -28.72 41.90
C ASN A 56 -43.58 -29.78 42.96
N LEU A 57 -44.17 -30.96 42.73
CA LEU A 57 -44.08 -32.07 43.66
C LEU A 57 -43.17 -33.18 43.17
N PHE A 58 -42.57 -33.04 41.98
CA PHE A 58 -41.75 -34.11 41.42
C PHE A 58 -40.35 -34.13 42.00
N PHE A 59 -39.80 -32.96 42.35
CA PHE A 59 -38.43 -32.90 42.88
C PHE A 59 -38.34 -33.60 44.22
N ASP A 60 -39.28 -33.32 45.13
CA ASP A 60 -39.33 -33.93 46.45
C ASP A 60 -40.36 -35.05 46.53
N LEU A 61 -40.64 -35.72 45.41
CA LEU A 61 -41.58 -36.82 45.41
C LEU A 61 -41.09 -37.93 46.33
N ASN A 62 -42.04 -38.61 46.97
CA ASN A 62 -41.75 -39.59 48.02
C ASN A 62 -40.98 -38.94 49.17
N VAL A 70 -37.80 -36.68 51.09
CA VAL A 70 -36.73 -37.34 50.34
C VAL A 70 -36.63 -36.71 48.95
N ILE A 71 -35.58 -37.06 48.21
CA ILE A 71 -35.32 -36.54 46.87
C ILE A 71 -35.29 -37.71 45.89
N ASP A 72 -35.98 -37.54 44.76
CA ASP A 72 -35.96 -38.54 43.69
C ASP A 72 -36.07 -37.78 42.37
N PHE A 73 -34.91 -37.38 41.82
CA PHE A 73 -34.90 -36.70 40.53
C PHE A 73 -35.31 -37.65 39.41
N TYR A 74 -35.10 -38.95 39.58
CA TYR A 74 -35.49 -39.91 38.56
C TYR A 74 -37.00 -39.96 38.39
N THR A 75 -37.74 -39.94 39.50
CA THR A 75 -39.20 -39.96 39.44
C THR A 75 -39.77 -38.69 38.83
N LEU A 76 -39.01 -37.58 38.88
CA LEU A 76 -39.49 -36.33 38.28
C LEU A 76 -39.68 -36.46 36.78
N ARG A 77 -38.81 -37.24 36.11
CA ARG A 77 -38.89 -37.37 34.66
C ARG A 77 -40.18 -38.06 34.25
N ASP A 78 -40.66 -39.01 35.06
CA ASP A 78 -41.87 -39.74 34.72
C ASP A 78 -43.10 -38.86 34.92
N LYS A 79 -43.14 -38.07 35.99
CA LYS A 79 -44.29 -37.21 36.23
C LYS A 79 -44.35 -36.05 35.24
N LEU A 80 -43.18 -35.58 34.78
CA LEU A 80 -43.16 -34.51 33.78
C LEU A 80 -43.76 -35.00 32.47
N ASN A 81 -43.48 -36.25 32.09
CA ASN A 81 -44.12 -36.83 30.92
C ASN A 81 -45.63 -36.88 31.11
N HIS A 82 -46.08 -37.29 32.31
CA HIS A 82 -47.51 -37.43 32.57
C HIS A 82 -48.24 -36.10 32.38
N ILE A 83 -47.60 -35.00 32.76
CA ILE A 83 -48.24 -33.70 32.62
C ILE A 83 -48.46 -33.36 31.15
N VAL A 84 -47.50 -33.72 30.30
CA VAL A 84 -47.61 -33.39 28.87
C VAL A 84 -48.66 -34.26 28.20
N VAL A 85 -48.87 -35.49 28.70
CA VAL A 85 -49.86 -36.38 28.09
C VAL A 85 -51.25 -35.76 28.17
N ASN A 86 -51.59 -35.20 29.33
CA ASN A 86 -52.86 -34.50 29.48
C ASN A 86 -52.90 -33.21 28.68
N CYS A 87 -51.75 -32.63 28.37
CA CYS A 87 -51.72 -31.40 27.58
C CYS A 87 -52.06 -31.67 26.13
N ARG A 88 -51.61 -32.81 25.59
CA ARG A 88 -51.85 -33.13 24.19
C ARG A 88 -53.31 -33.45 23.90
N PHE A 89 -54.18 -32.43 24.00
CA PHE A 89 -55.59 -32.56 23.63
C PHE A 89 -56.05 -31.20 23.11
N SER A 90 -55.71 -30.92 21.85
CA SER A 90 -56.00 -29.65 21.22
C SER A 90 -57.49 -29.36 21.16
N PHE A 99 -44.67 -24.92 19.93
CA PHE A 99 -43.37 -25.51 20.24
C PHE A 99 -43.42 -26.38 21.50
N SER A 100 -42.25 -26.80 21.97
CA SER A 100 -42.08 -27.54 23.21
C SER A 100 -42.75 -28.91 23.19
N ARG A 101 -44.04 -28.96 22.84
CA ARG A 101 -44.81 -30.19 23.05
C ARG A 101 -44.63 -31.18 21.90
N ASN A 102 -44.67 -30.70 20.66
CA ASN A 102 -44.44 -31.60 19.52
C ASN A 102 -43.02 -32.14 19.54
N ASN A 103 -42.03 -31.26 19.58
CA ASN A 103 -40.63 -31.65 19.72
C ASN A 103 -40.25 -31.87 21.17
N TRP A 104 -41.11 -32.55 21.94
CA TRP A 104 -40.80 -32.87 23.32
C TRP A 104 -39.57 -33.76 23.44
N GLU A 105 -39.20 -34.47 22.36
CA GLU A 105 -38.01 -35.30 22.39
C GLU A 105 -36.75 -34.48 22.61
N LYS A 106 -36.70 -33.27 22.04
CA LYS A 106 -35.57 -32.39 22.28
C LYS A 106 -35.45 -32.03 23.75
N ILE A 107 -36.57 -31.64 24.36
CA ILE A 107 -36.56 -31.30 25.78
C ILE A 107 -36.35 -32.55 26.63
N GLU A 108 -36.88 -33.69 26.18
CA GLU A 108 -36.67 -34.93 26.91
C GLU A 108 -35.25 -35.43 26.76
N ASN A 109 -34.58 -35.12 25.64
CA ASN A 109 -33.20 -35.52 25.46
C ASN A 109 -32.26 -34.76 26.39
N ILE A 110 -32.55 -33.48 26.62
CA ILE A 110 -31.69 -32.66 27.48
C ILE A 110 -31.70 -33.22 28.90
N LEU A 111 -32.83 -33.76 29.35
CA LEU A 111 -32.87 -34.39 30.67
C LEU A 111 -31.96 -35.61 30.73
N ASP A 112 -31.85 -36.35 29.62
CA ASP A 112 -30.91 -37.46 29.56
C ASP A 112 -29.47 -36.97 29.60
N GLN A 113 -29.15 -35.94 28.80
CA GLN A 113 -27.77 -35.51 28.66
C GLN A 113 -27.30 -34.74 29.90
N ILE A 114 -28.17 -33.87 30.44
CA ILE A 114 -27.82 -33.04 31.59
C ILE A 114 -28.35 -33.72 32.84
N PRO A 115 -27.49 -34.29 33.69
CA PRO A 115 -27.97 -34.97 34.90
C PRO A 115 -28.11 -34.02 36.08
N PHE A 116 -28.98 -34.42 37.00
CA PHE A 116 -29.11 -33.71 38.26
C PHE A 116 -28.02 -34.15 39.23
N ARG A 117 -27.50 -33.19 40.00
CA ARG A 117 -26.40 -33.46 40.92
C ARG A 117 -26.69 -33.08 42.37
N ILE A 118 -27.75 -32.30 42.65
CA ILE A 118 -28.07 -31.94 44.02
C ILE A 118 -28.56 -33.17 44.77
N ARG A 119 -28.03 -33.39 45.97
CA ARG A 119 -28.43 -34.52 46.80
C ARG A 119 -28.80 -34.12 48.22
N SER A 120 -28.93 -32.82 48.49
CA SER A 120 -29.29 -32.32 49.81
C SER A 120 -30.73 -31.84 49.79
N THR A 121 -31.56 -32.39 50.68
CA THR A 121 -32.95 -31.95 50.78
C THR A 121 -33.04 -30.51 51.28
N LYS A 122 -32.20 -30.15 52.25
CA LYS A 122 -32.19 -28.78 52.76
C LYS A 122 -31.88 -27.79 51.64
N ILE A 123 -30.92 -28.12 50.78
CA ILE A 123 -30.55 -27.21 49.71
C ILE A 123 -31.60 -27.20 48.61
N LEU A 124 -32.12 -28.37 48.26
CA LEU A 124 -33.13 -28.45 47.20
C LEU A 124 -34.44 -27.81 47.62
N ASP A 125 -34.78 -27.86 48.91
CA ASP A 125 -36.03 -27.27 49.38
C ASP A 125 -36.05 -25.76 49.14
N LEU A 126 -34.90 -25.10 49.29
CA LEU A 126 -34.86 -23.65 49.22
C LEU A 126 -34.89 -23.14 47.79
N VAL A 127 -34.26 -23.87 46.85
CA VAL A 127 -34.19 -23.39 45.48
C VAL A 127 -35.54 -23.55 44.78
N ILE A 128 -36.24 -24.66 45.03
CA ILE A 128 -37.51 -24.89 44.36
C ILE A 128 -38.56 -23.87 44.81
N HIS A 129 -38.51 -23.44 46.07
CA HIS A 129 -39.42 -22.39 46.52
C HIS A 129 -39.02 -21.04 45.94
N ARG A 130 -37.74 -20.84 45.66
CA ARG A 130 -37.33 -19.64 44.94
C ARG A 130 -37.77 -19.69 43.48
N LEU A 131 -37.90 -20.88 42.91
CA LEU A 131 -38.28 -21.01 41.50
C LEU A 131 -39.72 -20.58 41.27
N GLU A 132 -40.64 -21.02 42.12
CA GLU A 132 -42.05 -20.66 41.95
C GLU A 132 -42.31 -19.18 42.15
N GLU A 133 -41.40 -18.46 42.82
CA GLU A 133 -41.61 -17.03 43.01
C GLU A 133 -41.39 -16.25 41.73
N LEU A 134 -40.60 -16.78 40.81
CA LEU A 134 -40.27 -16.07 39.58
C LEU A 134 -41.51 -15.94 38.70
N ASP A 135 -41.74 -14.72 38.20
CA ASP A 135 -42.83 -14.46 37.28
C ASP A 135 -42.27 -14.44 35.86
N LEU A 136 -42.76 -15.36 35.02
CA LEU A 136 -42.23 -15.54 33.67
C LEU A 136 -42.83 -14.58 32.66
N SER A 137 -43.66 -13.63 33.10
CA SER A 137 -44.26 -12.65 32.20
C SER A 137 -43.34 -11.43 32.18
N GLU A 138 -42.46 -11.38 31.18
CA GLU A 138 -41.59 -10.23 30.92
C GLU A 138 -40.65 -9.94 32.09
N GLY A 139 -40.19 -10.99 32.78
CA GLY A 139 -39.34 -10.79 33.93
C GLY A 139 -38.08 -11.62 33.93
N ILE A 140 -38.22 -12.93 33.71
CA ILE A 140 -37.09 -13.84 33.76
C ILE A 140 -36.13 -13.62 32.60
N GLU A 141 -36.58 -12.99 31.52
CA GLU A 141 -35.76 -12.84 30.33
C GLU A 141 -34.51 -12.01 30.62
N ILE A 142 -34.70 -10.77 31.08
CA ILE A 142 -33.57 -9.85 31.28
C ILE A 142 -32.81 -10.13 32.56
N ASP A 143 -33.23 -11.10 33.37
CA ASP A 143 -32.44 -11.56 34.49
C ASP A 143 -31.60 -12.78 34.14
N PHE A 144 -31.93 -13.46 33.05
CA PHE A 144 -31.15 -14.63 32.63
C PHE A 144 -29.89 -14.21 31.88
N ASP A 145 -29.98 -13.18 31.04
CA ASP A 145 -28.78 -12.70 30.35
C ASP A 145 -27.83 -12.00 31.32
N HIS A 146 -28.38 -11.35 32.35
CA HIS A 146 -27.53 -10.80 33.40
C HIS A 146 -26.81 -11.92 34.14
N LEU A 147 -27.47 -13.06 34.32
CA LEU A 147 -26.81 -14.23 34.89
C LEU A 147 -25.78 -14.78 33.92
N LEU A 148 -26.13 -14.90 32.64
CA LEU A 148 -25.20 -15.40 31.64
C LEU A 148 -23.97 -14.49 31.53
N LEU A 149 -24.20 -13.17 31.53
CA LEU A 149 -23.08 -12.23 31.43
C LEU A 149 -22.22 -12.28 32.69
N ASN A 150 -22.84 -12.38 33.86
CA ASN A 150 -22.08 -12.46 35.11
C ASN A 150 -21.37 -13.79 35.26
N MET A 151 -21.73 -14.79 34.48
CA MET A 151 -21.06 -16.09 34.57
C MET A 151 -19.74 -16.11 33.83
N VAL A 152 -19.70 -15.55 32.61
CA VAL A 152 -18.49 -15.62 31.81
C VAL A 152 -17.41 -14.71 32.37
N LYS A 153 -17.78 -13.60 33.02
CA LYS A 153 -16.79 -12.75 33.65
C LYS A 153 -16.21 -13.41 34.90
N ASP A 154 -16.99 -14.27 35.56
CA ASP A 154 -16.53 -14.95 36.76
C ASP A 154 -15.82 -16.25 36.46
N SER A 155 -16.12 -16.89 35.32
CA SER A 155 -15.59 -18.20 35.00
C SER A 155 -14.61 -18.21 33.83
N GLY A 156 -14.65 -17.20 32.96
CA GLY A 156 -13.73 -17.15 31.84
C GLY A 156 -13.98 -18.22 30.80
N SER A 157 -13.79 -19.49 31.18
CA SER A 157 -14.02 -20.58 30.25
C SER A 157 -15.47 -20.65 29.80
N SER A 158 -16.40 -20.06 30.56
CA SER A 158 -17.80 -20.02 30.14
C SER A 158 -18.01 -19.17 28.90
N GLY A 159 -17.05 -18.30 28.56
CA GLY A 159 -17.15 -17.50 27.36
C GLY A 159 -16.98 -18.27 26.07
N ALA A 160 -16.72 -19.58 26.14
CA ALA A 160 -16.58 -20.36 24.92
C ALA A 160 -17.90 -20.44 24.16
N TYR A 161 -19.01 -20.57 24.89
CA TYR A 161 -20.33 -20.69 24.28
C TYR A 161 -21.05 -19.36 24.18
N TYR A 162 -20.42 -18.26 24.57
CA TYR A 162 -21.07 -16.96 24.68
C TYR A 162 -20.25 -15.91 23.95
N SER A 163 -20.94 -15.01 23.27
CA SER A 163 -20.33 -13.91 22.54
C SER A 163 -20.90 -12.58 23.03
N PRO A 164 -20.13 -11.50 22.93
CA PRO A 164 -20.60 -10.20 23.44
C PRO A 164 -21.90 -9.77 22.78
N ARG A 165 -22.89 -9.46 23.61
CA ARG A 165 -24.17 -8.95 23.10
C ARG A 165 -24.02 -7.66 22.29
N PRO A 166 -23.19 -6.68 22.68
CA PRO A 166 -23.01 -5.52 21.80
C PRO A 166 -22.45 -5.88 20.43
N LEU A 167 -21.63 -6.92 20.34
CA LEU A 167 -21.16 -7.38 19.03
C LEU A 167 -22.32 -7.95 18.22
N ILE A 168 -23.13 -8.81 18.84
CA ILE A 168 -24.23 -9.45 18.13
C ILE A 168 -25.26 -8.41 17.70
N LYS A 169 -25.55 -7.45 18.57
CA LYS A 169 -26.53 -6.41 18.24
C LYS A 169 -26.09 -5.61 17.03
N ALA A 170 -24.79 -5.30 16.92
CA ALA A 170 -24.31 -4.55 15.78
C ALA A 170 -24.26 -5.41 14.53
N MET A 171 -23.90 -6.69 14.67
CA MET A 171 -23.83 -7.57 13.51
C MET A 171 -25.21 -7.76 12.88
N VAL A 172 -26.23 -8.01 13.71
CA VAL A 172 -27.56 -8.26 13.17
C VAL A 172 -28.17 -6.98 12.61
N ARG A 173 -27.75 -5.82 13.11
CA ARG A 173 -28.29 -4.57 12.59
C ARG A 173 -27.78 -4.29 11.18
N VAL A 174 -26.47 -4.51 10.94
CA VAL A 174 -25.94 -4.31 9.60
C VAL A 174 -26.39 -5.41 8.66
N LEU A 175 -26.81 -6.56 9.18
CA LEU A 175 -27.39 -7.58 8.32
C LEU A 175 -28.74 -7.15 7.78
N ASN A 176 -29.58 -6.56 8.64
CA ASN A 176 -30.93 -6.13 8.29
C ASN A 176 -31.70 -7.30 7.67
N PRO A 177 -32.07 -8.32 8.46
CA PRO A 177 -32.77 -9.47 7.89
C PRO A 177 -34.16 -9.11 7.40
N LYS A 178 -34.46 -9.49 6.17
CA LYS A 178 -35.80 -9.32 5.64
C LYS A 178 -36.77 -10.24 6.39
N PRO A 179 -38.02 -9.81 6.57
CA PRO A 179 -39.01 -10.72 7.17
C PRO A 179 -39.09 -12.09 6.50
N LEU A 180 -38.94 -12.14 5.18
CA LEU A 180 -38.93 -13.41 4.45
C LEU A 180 -37.49 -13.94 4.41
N ALA A 181 -37.06 -14.51 5.53
CA ALA A 181 -35.70 -15.01 5.64
C ALA A 181 -35.65 -16.14 6.65
N THR A 182 -34.57 -16.93 6.57
CA THR A 182 -34.33 -18.07 7.46
C THR A 182 -32.92 -17.94 8.03
N VAL A 183 -32.81 -17.30 9.20
CA VAL A 183 -31.51 -17.13 9.84
C VAL A 183 -31.01 -18.48 10.35
N TYR A 184 -29.73 -18.76 10.12
CA TYR A 184 -29.11 -20.01 10.54
C TYR A 184 -27.80 -19.73 11.26
N ASP A 185 -27.55 -20.48 12.34
CA ASP A 185 -26.31 -20.38 13.09
C ASP A 185 -25.68 -21.77 13.18
N PRO A 186 -24.50 -21.99 12.60
CA PRO A 186 -23.87 -23.31 12.73
C PRO A 186 -23.52 -23.68 14.17
N ALA A 187 -23.30 -22.68 15.03
CA ALA A 187 -23.03 -22.90 16.45
C ALA A 187 -23.95 -21.95 17.21
N MET A 188 -25.17 -22.42 17.51
CA MET A 188 -26.18 -21.52 18.09
C MET A 188 -25.78 -21.08 19.50
N GLY A 189 -25.00 -21.88 20.21
CA GLY A 189 -24.48 -21.46 21.51
C GLY A 189 -25.60 -21.15 22.48
N THR A 190 -25.62 -19.90 22.97
CA THR A 190 -26.69 -19.43 23.83
C THR A 190 -27.87 -18.89 23.04
N GLY A 191 -27.77 -18.84 21.72
CA GLY A 191 -28.86 -18.32 20.90
C GLY A 191 -28.98 -16.82 20.91
N GLY A 192 -27.91 -16.10 21.27
CA GLY A 192 -27.96 -14.65 21.33
C GLY A 192 -28.22 -13.99 20.00
N VAL A 193 -27.87 -14.66 18.89
CA VAL A 193 -28.12 -14.10 17.56
C VAL A 193 -29.62 -14.08 17.27
N PHE A 194 -30.32 -15.17 17.60
CA PHE A 194 -31.76 -15.23 17.37
C PHE A 194 -32.50 -14.23 18.26
N VAL A 195 -32.00 -14.04 19.48
CA VAL A 195 -32.61 -13.06 20.38
C VAL A 195 -32.46 -11.66 19.82
N GLU A 196 -31.29 -11.33 19.28
CA GLU A 196 -31.08 -10.02 18.71
C GLU A 196 -31.77 -9.87 17.36
N ALA A 197 -31.88 -10.96 16.60
CA ALA A 197 -32.60 -10.90 15.33
C ALA A 197 -34.09 -10.66 15.56
N LYS A 198 -34.66 -11.27 16.60
CA LYS A 198 -36.05 -11.01 16.93
C LYS A 198 -36.23 -9.60 17.48
N LYS A 199 -35.28 -9.14 18.30
CA LYS A 199 -35.34 -7.78 18.82
C LYS A 199 -35.14 -6.75 17.72
N HIS A 200 -34.27 -7.05 16.75
CA HIS A 200 -34.05 -6.13 15.65
C HIS A 200 -35.29 -5.97 14.78
N ALA A 201 -36.01 -7.08 14.55
CA ALA A 201 -37.23 -7.06 13.75
C ALA A 201 -38.48 -6.96 14.60
N LYS A 202 -38.36 -6.49 15.85
CA LYS A 202 -39.51 -6.42 16.74
C LYS A 202 -40.53 -5.41 16.23
N GLY A 203 -40.07 -4.26 15.73
CA GLY A 203 -40.96 -3.25 15.20
C GLY A 203 -40.86 -3.10 13.69
N GLY A 209 -42.29 -14.05 10.78
CA GLY A 209 -41.07 -14.27 11.53
C GLY A 209 -39.97 -14.94 10.74
N LEU A 210 -38.80 -15.08 11.36
CA LEU A 210 -37.65 -15.70 10.74
C LEU A 210 -37.55 -17.15 11.16
N SER A 211 -37.29 -18.03 10.18
CA SER A 211 -37.21 -19.46 10.43
C SER A 211 -35.83 -19.77 11.00
N PHE A 212 -35.72 -19.61 12.33
CA PHE A 212 -34.44 -19.77 13.01
C PHE A 212 -34.02 -21.23 13.02
N ILE A 213 -32.75 -21.47 12.66
CA ILE A 213 -32.14 -22.79 12.72
C ILE A 213 -30.86 -22.68 13.53
N GLY A 214 -30.56 -23.72 14.31
CA GLY A 214 -29.37 -23.71 15.13
C GLY A 214 -28.82 -25.10 15.35
N ASN A 215 -27.63 -25.15 15.92
CA ASN A 215 -26.97 -26.42 16.23
C ASN A 215 -25.84 -26.17 17.20
N ASP A 216 -25.43 -27.22 17.90
CA ASP A 216 -24.38 -27.14 18.90
C ASP A 216 -23.98 -28.56 19.30
N LEU A 217 -22.77 -28.68 19.85
CA LEU A 217 -22.23 -29.97 20.26
C LEU A 217 -22.24 -30.16 21.77
N SER A 218 -21.77 -29.18 22.53
CA SER A 218 -21.72 -29.32 23.98
C SER A 218 -23.13 -29.34 24.54
N PRO A 219 -23.46 -30.27 25.45
CA PRO A 219 -24.84 -30.32 25.96
C PRO A 219 -25.20 -29.12 26.83
N PHE A 220 -24.23 -28.60 27.58
CA PHE A 220 -24.52 -27.45 28.46
C PHE A 220 -24.99 -26.25 27.64
N ALA A 221 -24.27 -25.93 26.56
CA ALA A 221 -24.69 -24.82 25.71
C ALA A 221 -26.01 -25.11 25.01
N HIS A 222 -26.29 -26.38 24.73
CA HIS A 222 -27.59 -26.73 24.16
C HIS A 222 -28.70 -26.51 25.18
N LEU A 223 -28.42 -26.78 26.45
CA LEU A 223 -29.39 -26.50 27.51
C LEU A 223 -29.57 -25.00 27.70
N ILE A 224 -28.46 -24.26 27.74
CA ILE A 224 -28.54 -22.81 27.93
C ILE A 224 -29.17 -22.14 26.72
N GLY A 225 -28.81 -22.59 25.52
CA GLY A 225 -29.35 -21.97 24.32
C GLY A 225 -30.83 -22.22 24.12
N ALA A 226 -31.26 -23.47 24.33
CA ALA A 226 -32.68 -23.80 24.17
C ALA A 226 -33.52 -23.11 25.24
N LEU A 227 -33.02 -23.07 26.48
CA LEU A 227 -33.77 -22.40 27.54
C LEU A 227 -33.89 -20.91 27.29
N ASN A 228 -32.80 -20.27 26.84
CA ASN A 228 -32.83 -18.83 26.64
C ASN A 228 -33.72 -18.44 25.46
N LEU A 229 -33.79 -19.29 24.42
CA LEU A 229 -34.70 -19.01 23.32
C LEU A 229 -36.15 -19.14 23.75
N LEU A 230 -36.45 -20.07 24.66
CA LEU A 230 -37.81 -20.21 25.14
C LEU A 230 -38.23 -19.02 25.99
N LEU A 231 -37.31 -18.51 26.82
CA LEU A 231 -37.65 -17.40 27.69
C LEU A 231 -37.96 -16.13 26.90
N ASN A 232 -37.37 -15.99 25.71
CA ASN A 232 -37.67 -14.87 24.83
C ASN A 232 -38.81 -15.20 23.86
N ASP A 233 -39.53 -16.30 24.09
CA ASP A 233 -40.69 -16.67 23.29
C ASP A 233 -40.32 -16.87 21.82
N ILE A 234 -39.22 -17.58 21.59
CA ILE A 234 -38.72 -17.89 20.26
C ILE A 234 -38.84 -19.39 20.04
N ASP A 235 -39.36 -19.78 18.88
CA ASP A 235 -39.55 -21.19 18.58
C ASP A 235 -38.21 -21.91 18.56
N ILE A 236 -38.16 -23.08 19.19
CA ILE A 236 -36.94 -23.87 19.27
C ILE A 236 -37.08 -25.10 18.39
N SER A 237 -37.85 -24.98 17.31
CA SER A 237 -38.05 -26.12 16.41
C SER A 237 -36.85 -26.34 15.50
N GLY A 238 -36.07 -25.29 15.22
CA GLY A 238 -34.86 -25.42 14.43
C GLY A 238 -33.60 -25.69 15.20
N VAL A 239 -33.65 -25.59 16.52
CA VAL A 239 -32.48 -25.84 17.36
C VAL A 239 -32.30 -27.34 17.54
N SER A 240 -31.05 -27.79 17.50
CA SER A 240 -30.73 -29.21 17.65
C SER A 240 -29.37 -29.33 18.29
N ILE A 241 -28.95 -30.57 18.52
CA ILE A 241 -27.63 -30.88 19.06
C ILE A 241 -26.97 -31.87 18.11
N SER A 242 -25.92 -31.42 17.41
CA SER A 242 -25.21 -32.24 16.44
C SER A 242 -23.87 -31.58 16.14
N ASP A 243 -23.09 -32.22 15.28
CA ASP A 243 -21.79 -31.68 14.85
C ASP A 243 -22.00 -30.94 13.53
N SER A 244 -21.69 -29.65 13.53
CA SER A 244 -21.89 -28.83 12.33
C SER A 244 -20.86 -29.16 11.26
N LEU A 245 -19.63 -29.50 11.65
CA LEU A 245 -18.61 -29.82 10.65
C LEU A 245 -18.97 -31.07 9.88
N LEU A 246 -19.62 -32.03 10.53
CA LEU A 246 -20.11 -33.23 9.87
C LEU A 246 -21.44 -32.89 9.21
N ASP A 247 -21.44 -32.76 7.88
CA ASP A 247 -22.62 -32.29 7.17
C ASP A 247 -23.79 -33.24 7.33
N ARG A 248 -23.52 -34.55 7.35
CA ARG A 248 -24.54 -35.57 7.14
C ARG A 248 -25.26 -35.25 5.83
N ASP A 249 -26.42 -34.60 5.90
CA ASP A 249 -27.10 -34.05 4.73
C ASP A 249 -27.79 -32.77 5.14
N CYS A 250 -27.44 -31.66 4.48
CA CYS A 250 -27.94 -30.35 4.88
C CYS A 250 -28.20 -29.51 3.64
N GLN A 251 -28.77 -28.33 3.86
CA GLN A 251 -29.16 -27.42 2.80
C GLN A 251 -28.85 -25.99 3.23
N GLN A 252 -28.67 -25.12 2.24
CA GLN A 252 -28.31 -23.74 2.50
C GLN A 252 -29.46 -23.00 3.18
N TYR A 253 -29.14 -21.83 3.73
CA TYR A 253 -30.11 -20.97 4.39
C TYR A 253 -29.88 -19.53 3.98
N ASP A 254 -30.91 -18.71 4.18
CA ASP A 254 -30.87 -17.33 3.70
C ASP A 254 -29.83 -16.49 4.45
N PHE A 255 -29.74 -16.67 5.77
CA PHE A 255 -28.81 -15.92 6.59
C PHE A 255 -27.97 -16.88 7.42
N VAL A 256 -26.67 -16.60 7.50
CA VAL A 256 -25.73 -17.39 8.28
C VAL A 256 -24.89 -16.43 9.11
N ILE A 257 -25.17 -16.35 10.41
CA ILE A 257 -24.45 -15.49 11.33
C ILE A 257 -23.98 -16.34 12.51
N SER A 258 -22.71 -16.21 12.87
CA SER A 258 -22.16 -17.05 13.93
C SER A 258 -20.90 -16.42 14.49
N GLY A 259 -20.57 -16.84 15.71
CA GLY A 259 -19.29 -16.53 16.32
C GLY A 259 -18.49 -17.81 16.54
N VAL A 260 -17.82 -18.27 15.50
CA VAL A 260 -17.24 -19.61 15.44
C VAL A 260 -16.11 -19.77 16.46
N PRO A 261 -15.78 -21.01 16.87
CA PRO A 261 -14.77 -21.18 17.92
C PRO A 261 -13.34 -21.27 17.39
N PHE A 262 -12.46 -21.87 18.18
CA PHE A 262 -11.04 -21.93 17.88
C PHE A 262 -10.60 -23.38 17.74
N GLY A 263 -9.58 -23.59 16.90
CA GLY A 263 -9.30 -24.92 16.40
C GLY A 263 -8.61 -25.82 17.42
N LYS A 264 -9.01 -27.09 17.41
CA LYS A 264 -8.43 -28.13 18.25
C LYS A 264 -8.77 -29.48 17.66
N VAL A 265 -7.90 -30.46 17.90
CA VAL A 265 -8.14 -31.84 17.45
C VAL A 265 -7.68 -32.82 18.52
N ASN A 266 -8.18 -32.64 19.75
CA ASN A 266 -7.79 -33.53 20.84
C ASN A 266 -8.23 -34.96 20.56
N GLU A 267 -9.52 -35.18 20.34
CA GLU A 267 -10.02 -36.47 19.89
C GLU A 267 -10.38 -36.47 18.41
N LEU A 268 -10.41 -35.29 17.77
CA LEU A 268 -10.84 -35.14 16.39
C LEU A 268 -9.67 -35.08 15.41
N THR A 269 -8.55 -35.72 15.77
CA THR A 269 -7.38 -35.69 14.89
C THR A 269 -7.65 -36.42 13.58
N LYS A 270 -8.15 -37.64 13.67
CA LYS A 270 -8.50 -38.43 12.49
C LYS A 270 -10.00 -38.47 12.23
N TYR A 271 -10.80 -37.72 12.99
CA TYR A 271 -12.24 -37.82 12.87
C TYR A 271 -12.80 -37.05 11.68
N GLU A 272 -12.16 -35.96 11.28
CA GLU A 272 -12.64 -35.14 10.18
C GLU A 272 -11.78 -35.40 8.94
N TYR A 273 -11.91 -36.63 8.42
CA TYR A 273 -11.07 -37.05 7.31
C TYR A 273 -11.46 -36.36 6.00
N TYR A 274 -12.75 -36.25 5.73
CA TYR A 274 -13.20 -35.70 4.45
C TYR A 274 -12.90 -34.21 4.33
N TYR A 275 -12.67 -33.52 5.45
CA TYR A 275 -12.25 -32.12 5.43
C TYR A 275 -10.72 -32.09 5.26
N HIS A 276 -10.28 -32.45 4.05
CA HIS A 276 -8.86 -32.57 3.77
C HIS A 276 -8.24 -31.20 3.51
N GLY A 277 -6.98 -31.06 3.93
CA GLY A 277 -6.27 -29.81 3.78
C GLY A 277 -6.16 -29.02 5.06
N TYR A 278 -7.21 -29.02 5.87
CA TYR A 278 -7.23 -28.26 7.11
C TYR A 278 -6.43 -28.97 8.19
N SER A 279 -5.86 -28.19 9.10
CA SER A 279 -5.11 -28.72 10.23
C SER A 279 -6.00 -28.92 11.46
N GLY A 280 -7.31 -29.04 11.27
CA GLY A 280 -8.21 -29.11 12.40
C GLY A 280 -8.58 -27.78 12.99
N SER A 281 -8.59 -26.72 12.17
CA SER A 281 -8.94 -25.38 12.62
C SER A 281 -10.44 -25.20 12.58
N LEU A 282 -11.05 -25.01 13.75
CA LEU A 282 -12.50 -24.80 13.82
C LEU A 282 -12.90 -23.54 13.08
N GLU A 283 -12.23 -22.41 13.36
CA GLU A 283 -12.55 -21.17 12.68
C GLU A 283 -12.35 -21.24 11.17
N ALA A 284 -11.52 -22.17 10.70
CA ALA A 284 -11.36 -22.37 9.27
C ALA A 284 -12.37 -23.37 8.71
N MET A 285 -12.59 -24.48 9.41
CA MET A 285 -13.56 -25.47 8.94
C MET A 285 -14.97 -24.91 8.98
N PHE A 286 -15.30 -24.12 10.01
CA PHE A 286 -16.60 -23.46 10.05
C PHE A 286 -16.72 -22.43 8.94
N LEU A 287 -15.63 -21.75 8.59
CA LEU A 287 -15.64 -20.86 7.44
C LEU A 287 -16.03 -21.62 6.17
N LYS A 288 -15.47 -22.81 5.99
CA LYS A 288 -15.90 -23.67 4.89
C LYS A 288 -17.36 -24.09 5.06
N HIS A 289 -17.81 -24.29 6.29
CA HIS A 289 -19.19 -24.67 6.54
C HIS A 289 -20.13 -23.53 6.19
N THR A 290 -19.82 -22.31 6.65
CA THR A 290 -20.69 -21.17 6.38
C THR A 290 -20.76 -20.86 4.89
N MET A 291 -19.68 -21.11 4.16
CA MET A 291 -19.71 -20.92 2.71
C MET A 291 -20.62 -21.93 2.04
N ASP A 292 -20.54 -23.19 2.47
CA ASP A 292 -21.40 -24.23 1.90
C ASP A 292 -22.86 -24.02 2.28
N LYS A 293 -23.13 -23.44 3.44
CA LYS A 293 -24.48 -23.31 3.96
C LYS A 293 -25.06 -21.93 3.72
N LEU A 294 -24.47 -21.14 2.83
CA LEU A 294 -24.99 -19.82 2.48
C LEU A 294 -25.70 -19.92 1.14
N ALA A 295 -26.97 -19.52 1.12
CA ALA A 295 -27.78 -19.64 -0.09
C ALA A 295 -27.45 -18.53 -1.08
N LYS A 296 -27.82 -18.77 -2.34
CA LYS A 296 -27.65 -17.77 -3.38
C LYS A 296 -28.42 -16.51 -3.02
N GLY A 297 -27.72 -15.37 -3.03
CA GLY A 297 -28.31 -14.11 -2.63
C GLY A 297 -28.37 -13.88 -1.14
N GLY A 298 -27.86 -14.81 -0.34
CA GLY A 298 -27.93 -14.69 1.11
C GLY A 298 -26.70 -14.04 1.67
N ARG A 299 -26.90 -13.03 2.52
CA ARG A 299 -25.81 -12.34 3.18
C ARG A 299 -25.41 -13.11 4.44
N ALA A 300 -24.21 -12.80 4.94
CA ALA A 300 -23.66 -13.53 6.08
C ALA A 300 -22.68 -12.64 6.82
N ALA A 301 -22.38 -13.04 8.06
CA ALA A 301 -21.40 -12.35 8.89
C ALA A 301 -20.85 -13.36 9.90
N ILE A 302 -19.55 -13.62 9.82
CA ILE A 302 -18.89 -14.61 10.67
C ILE A 302 -17.73 -13.93 11.38
N VAL A 303 -17.70 -14.06 12.71
CA VAL A 303 -16.59 -13.55 13.50
C VAL A 303 -15.49 -14.60 13.50
N ILE A 304 -14.29 -14.21 13.07
CA ILE A 304 -13.15 -15.12 13.00
C ILE A 304 -11.92 -14.46 13.61
N PRO A 305 -10.99 -15.23 14.18
CA PRO A 305 -9.75 -14.63 14.67
C PRO A 305 -8.84 -14.20 13.53
N ASP A 306 -7.95 -13.26 13.83
CA ASP A 306 -7.04 -12.75 12.81
C ASP A 306 -5.96 -13.75 12.45
N GLY A 307 -5.74 -14.77 13.28
CA GLY A 307 -4.67 -15.72 13.01
C GLY A 307 -4.87 -16.56 11.77
N ILE A 308 -6.11 -16.64 11.27
CA ILE A 308 -6.43 -17.52 10.14
C ILE A 308 -6.67 -16.76 8.85
N LEU A 309 -6.60 -15.43 8.88
CA LEU A 309 -6.73 -14.62 7.66
C LEU A 309 -5.40 -14.06 7.19
N PHE A 310 -4.30 -14.45 7.83
CA PHE A 310 -2.98 -13.98 7.43
C PHE A 310 -2.56 -14.65 6.11
N GLY A 311 -1.41 -14.20 5.58
CA GLY A 311 -0.92 -14.75 4.33
C GLY A 311 -0.12 -16.02 4.50
N ASN A 312 0.49 -16.23 5.67
CA ASN A 312 1.31 -17.42 5.85
C ASN A 312 0.49 -18.68 6.05
N ALA A 313 -0.81 -18.55 6.29
CA ALA A 313 -1.69 -19.72 6.39
C ALA A 313 -1.78 -20.41 5.03
N SER A 314 -0.87 -21.36 4.78
CA SER A 314 -0.78 -21.95 3.45
C SER A 314 -2.01 -22.80 3.13
N HIS A 315 -2.39 -23.70 4.04
CA HIS A 315 -3.57 -24.53 3.81
C HIS A 315 -4.86 -23.73 3.78
N LEU A 316 -4.88 -22.55 4.40
CA LEU A 316 -6.06 -21.69 4.39
C LEU A 316 -6.07 -20.74 3.21
N ASP A 317 -4.97 -20.62 2.48
CA ASP A 317 -4.94 -19.73 1.31
C ASP A 317 -5.90 -20.21 0.24
N GLU A 318 -6.10 -21.53 0.13
CA GLU A 318 -7.11 -22.04 -0.79
C GLU A 318 -8.51 -21.64 -0.34
N LEU A 319 -8.76 -21.63 0.97
CA LEU A 319 -10.05 -21.21 1.48
C LEU A 319 -10.32 -19.75 1.17
N LYS A 320 -9.36 -18.87 1.47
CA LYS A 320 -9.53 -17.45 1.16
C LYS A 320 -9.62 -17.22 -0.33
N ARG A 321 -8.98 -18.08 -1.13
CA ARG A 321 -8.98 -17.90 -2.58
C ARG A 321 -10.36 -18.17 -3.16
N GLN A 322 -11.00 -19.27 -2.74
CA GLN A 322 -12.34 -19.58 -3.25
C GLN A 322 -13.38 -18.64 -2.65
N LEU A 323 -13.20 -18.23 -1.40
CA LEU A 323 -14.12 -17.28 -0.78
C LEU A 323 -14.07 -15.94 -1.49
N LEU A 324 -12.87 -15.46 -1.80
CA LEU A 324 -12.73 -14.18 -2.48
C LEU A 324 -13.13 -14.29 -3.94
N THR A 325 -13.06 -15.50 -4.52
CA THR A 325 -13.41 -15.69 -5.92
C THR A 325 -14.92 -15.78 -6.11
N GLN A 326 -15.61 -16.55 -5.25
CA GLN A 326 -17.05 -16.77 -5.40
C GLN A 326 -17.86 -15.72 -4.64
N PHE A 327 -17.83 -15.78 -3.30
CA PHE A 327 -18.71 -14.97 -2.48
C PHE A 327 -18.21 -13.53 -2.41
N ASN A 328 -19.15 -12.60 -2.22
CA ASN A 328 -18.87 -11.16 -2.23
C ASN A 328 -18.45 -10.71 -0.83
N LEU A 329 -17.18 -10.97 -0.51
CA LEU A 329 -16.58 -10.45 0.71
C LEU A 329 -16.30 -8.97 0.50
N HIS A 330 -17.16 -8.11 1.03
CA HIS A 330 -17.08 -6.68 0.75
C HIS A 330 -16.78 -5.85 1.99
N ALA A 331 -16.73 -6.46 3.18
CA ALA A 331 -16.50 -5.67 4.38
C ALA A 331 -15.88 -6.53 5.47
N VAL A 332 -14.90 -5.97 6.17
CA VAL A 332 -14.27 -6.59 7.33
C VAL A 332 -14.11 -5.54 8.41
N LEU A 333 -14.42 -5.91 9.66
CA LEU A 333 -14.34 -5.02 10.80
C LEU A 333 -13.22 -5.48 11.73
N SER A 334 -12.29 -4.57 12.02
CA SER A 334 -11.19 -4.86 12.93
C SER A 334 -11.67 -4.65 14.37
N LEU A 335 -11.68 -5.73 15.15
CA LEU A 335 -12.09 -5.69 16.55
C LEU A 335 -10.86 -5.77 17.44
N PRO A 336 -10.73 -4.87 18.43
CA PRO A 336 -9.49 -4.82 19.21
C PRO A 336 -9.27 -6.08 20.04
N LYS A 337 -8.00 -6.35 20.31
CA LYS A 337 -7.61 -7.46 21.17
C LYS A 337 -7.70 -7.05 22.63
N GLY A 338 -8.47 -7.81 23.41
CA GLY A 338 -9.22 -8.95 22.92
C GLY A 338 -10.69 -8.78 23.22
N THR A 339 -11.48 -8.55 22.16
CA THR A 339 -12.90 -8.31 22.33
C THR A 339 -13.59 -9.49 22.99
N LEU A 340 -13.09 -10.70 22.75
CA LEU A 340 -13.79 -11.93 23.16
C LEU A 340 -13.52 -12.27 24.63
N ALA A 341 -13.80 -11.31 25.51
CA ALA A 341 -14.01 -11.55 26.94
C ALA A 341 -12.74 -12.07 27.60
N PRO A 342 -12.75 -12.38 28.90
CA PRO A 342 -11.62 -13.12 29.49
C PRO A 342 -11.45 -14.53 28.94
N TYR A 343 -12.37 -15.01 28.11
CA TYR A 343 -12.23 -16.34 27.54
C TYR A 343 -11.00 -16.43 26.64
N SER A 344 -10.74 -15.38 25.86
CA SER A 344 -9.58 -15.34 24.97
C SER A 344 -9.24 -13.90 24.68
N GLY A 345 -7.96 -13.58 24.70
CA GLY A 345 -7.47 -12.26 24.37
C GLY A 345 -7.09 -12.07 22.91
N VAL A 346 -7.42 -13.04 22.06
CA VAL A 346 -7.02 -12.95 20.65
C VAL A 346 -7.76 -11.80 19.97
N LYS A 347 -7.16 -11.30 18.90
CA LYS A 347 -7.79 -10.28 18.08
C LYS A 347 -8.69 -10.96 17.05
N VAL A 348 -9.92 -10.47 16.95
CA VAL A 348 -10.94 -11.07 16.09
C VAL A 348 -11.41 -10.05 15.06
N SER A 349 -12.14 -10.55 14.07
CA SER A 349 -12.71 -9.72 13.04
C SER A 349 -13.92 -10.46 12.46
N VAL A 350 -14.81 -9.70 11.83
CA VAL A 350 -16.05 -10.24 11.29
C VAL A 350 -16.08 -9.98 9.78
N LEU A 351 -16.17 -11.06 9.01
CA LEU A 351 -16.29 -10.97 7.57
C LEU A 351 -17.74 -10.71 7.17
N PHE A 352 -17.93 -10.22 5.94
CA PHE A 352 -19.26 -9.90 5.41
C PHE A 352 -19.30 -10.33 3.94
N PHE A 353 -19.38 -11.64 3.72
CA PHE A 353 -19.49 -12.18 2.37
C PHE A 353 -20.95 -12.54 2.11
N ASP A 354 -21.54 -11.90 1.10
CA ASP A 354 -22.97 -11.98 0.83
C ASP A 354 -23.31 -12.81 -0.41
N ASN A 355 -22.44 -13.76 -0.77
CA ASN A 355 -22.65 -14.64 -1.93
C ASN A 355 -22.76 -13.75 -3.17
N THR A 356 -23.73 -14.00 -4.06
CA THR A 356 -24.00 -13.17 -5.24
C THR A 356 -22.73 -13.07 -6.07
N VAL A 357 -22.34 -11.89 -6.54
CA VAL A 357 -21.15 -11.70 -7.37
C VAL A 357 -20.11 -10.93 -6.57
N SER A 358 -18.85 -11.29 -6.74
CA SER A 358 -17.75 -10.74 -5.96
C SER A 358 -17.17 -9.46 -6.55
N GLU A 359 -17.88 -8.82 -7.48
CA GLU A 359 -17.34 -7.66 -8.21
C GLU A 359 -17.61 -6.39 -7.40
N LYS A 360 -16.80 -6.21 -6.36
CA LYS A 360 -16.87 -5.01 -5.53
C LYS A 360 -15.66 -4.98 -4.61
N ASP A 361 -15.10 -3.79 -4.43
CA ASP A 361 -13.94 -3.63 -3.56
C ASP A 361 -14.34 -3.77 -2.10
N ILE A 362 -13.38 -4.17 -1.27
CA ILE A 362 -13.65 -4.55 0.12
C ILE A 362 -13.57 -3.30 1.00
N TRP A 363 -14.68 -3.01 1.69
CA TRP A 363 -14.69 -1.98 2.71
C TRP A 363 -14.02 -2.49 3.98
N PHE A 364 -13.42 -1.57 4.74
CA PHE A 364 -12.72 -1.93 5.96
C PHE A 364 -12.96 -0.88 7.02
N TYR A 365 -13.41 -1.33 8.20
CA TYR A 365 -13.56 -0.48 9.37
C TYR A 365 -12.65 -0.99 10.46
N GLU A 366 -11.98 -0.07 11.16
CA GLU A 366 -11.08 -0.38 12.26
C GLU A 366 -11.66 0.23 13.54
N LEU A 367 -12.07 -0.62 14.47
CA LEU A 367 -12.68 -0.18 15.71
C LEU A 367 -11.61 0.07 16.76
N ARG A 368 -11.73 1.21 17.45
CA ARG A 368 -10.82 1.58 18.53
C ARG A 368 -11.64 2.04 19.73
N THR A 369 -11.16 1.71 20.92
CA THR A 369 -11.85 2.03 22.17
C THR A 369 -10.98 2.96 23.00
N ASN A 370 -11.57 3.47 24.08
CA ASN A 370 -10.87 4.42 24.93
C ASN A 370 -9.72 3.76 25.70
N LYS A 371 -9.84 2.48 25.98
CA LYS A 371 -8.87 1.77 26.81
C LYS A 371 -8.90 0.30 26.43
N PRO A 372 -7.81 -0.44 26.70
CA PRO A 372 -7.84 -1.90 26.49
C PRO A 372 -8.94 -2.55 27.31
N LEU A 373 -9.52 -3.62 26.76
CA LEU A 373 -10.72 -4.23 27.29
C LEU A 373 -10.43 -5.65 27.80
N SER A 374 -11.48 -6.48 27.84
CA SER A 374 -11.46 -7.90 28.18
C SER A 374 -11.47 -8.15 29.68
N LYS A 375 -10.40 -7.78 30.39
CA LYS A 375 -10.32 -8.02 31.82
C LYS A 375 -11.48 -7.36 32.56
N VAL A 376 -11.58 -6.04 32.47
CA VAL A 376 -12.73 -5.28 32.92
C VAL A 376 -12.97 -4.17 31.90
N ASN A 377 -14.06 -3.42 32.12
CA ASN A 377 -14.62 -2.49 31.14
C ASN A 377 -14.48 -3.03 29.71
N SER A 378 -15.31 -4.02 29.37
CA SER A 378 -15.23 -4.69 28.08
C SER A 378 -15.87 -3.87 26.96
N ILE A 379 -16.17 -4.53 25.84
CA ILE A 379 -16.70 -3.83 24.67
C ILE A 379 -18.14 -3.40 24.94
N THR A 380 -18.52 -2.25 24.37
CA THR A 380 -19.84 -1.67 24.53
C THR A 380 -20.49 -1.48 23.17
N ASP A 381 -21.81 -1.30 23.18
CA ASP A 381 -22.56 -1.02 21.96
C ASP A 381 -22.44 0.43 21.51
N SER A 382 -21.85 1.30 22.33
CA SER A 382 -21.61 2.67 21.90
C SER A 382 -20.45 2.76 20.91
N ASP A 383 -19.46 1.88 21.05
CA ASP A 383 -18.32 1.89 20.14
C ASP A 383 -18.70 1.42 18.74
N PHE A 384 -19.77 0.66 18.60
CA PHE A 384 -20.23 0.18 17.32
C PHE A 384 -21.15 1.17 16.60
N GLU A 385 -21.48 2.30 17.24
CA GLU A 385 -22.43 3.24 16.64
C GLU A 385 -21.90 3.80 15.33
N ASP A 386 -20.61 4.10 15.24
CA ASP A 386 -20.04 4.62 14.01
C ASP A 386 -20.09 3.59 12.90
N PHE A 387 -19.80 2.33 13.22
CA PHE A 387 -19.77 1.28 12.20
C PHE A 387 -21.16 1.01 11.63
N THR A 388 -22.20 1.11 12.46
CA THR A 388 -23.56 0.84 11.98
C THR A 388 -24.02 1.91 10.99
N SER A 389 -23.72 3.18 11.27
CA SER A 389 -24.18 4.26 10.41
C SER A 389 -23.41 4.27 9.08
N LEU A 390 -22.11 3.97 9.13
CA LEU A 390 -21.25 4.05 7.96
C LEU A 390 -21.08 2.70 7.26
N TYR A 391 -21.98 1.74 7.53
CA TYR A 391 -21.83 0.42 6.94
C TYR A 391 -21.97 0.45 5.43
N GLU A 392 -22.88 1.28 4.92
CA GLU A 392 -23.11 1.37 3.48
C GLU A 392 -22.55 2.63 2.86
N ARG A 393 -21.88 3.48 3.64
CA ARG A 393 -21.17 4.63 3.12
C ARG A 393 -19.68 4.28 3.10
N ARG A 394 -19.13 4.09 1.90
CA ARG A 394 -17.80 3.50 1.76
C ARG A 394 -16.71 4.44 2.30
N GLU A 395 -16.69 5.68 1.82
CA GLU A 395 -15.68 6.65 2.22
C GLU A 395 -16.05 7.25 3.57
N VAL A 396 -15.29 6.90 4.61
CA VAL A 396 -15.47 7.45 5.95
C VAL A 396 -14.09 7.77 6.51
N SER A 397 -13.99 8.89 7.23
CA SER A 397 -12.73 9.42 7.69
C SER A 397 -12.19 8.64 8.89
N GLU A 398 -10.93 8.92 9.22
CA GLU A 398 -10.28 8.46 10.44
C GLU A 398 -10.11 6.94 10.52
N ASN A 399 -11.20 6.22 10.78
CA ASN A 399 -11.10 4.83 11.20
C ASN A 399 -11.59 3.84 10.17
N SER A 400 -11.78 4.25 8.92
CA SER A 400 -12.25 3.31 7.90
C SER A 400 -11.67 3.69 6.54
N CYS A 401 -11.69 2.72 5.62
CA CYS A 401 -11.11 2.89 4.31
C CYS A 401 -11.68 1.84 3.37
N LEU A 402 -11.21 1.86 2.13
CA LEU A 402 -11.63 0.92 1.09
C LEU A 402 -10.39 0.32 0.44
N ILE A 403 -10.39 -0.99 0.24
CA ILE A 403 -9.26 -1.69 -0.36
C ILE A 403 -9.73 -2.43 -1.60
N SER A 404 -8.77 -2.74 -2.47
CA SER A 404 -9.07 -3.36 -3.75
C SER A 404 -9.03 -4.89 -3.64
N LYS A 405 -9.88 -5.55 -4.42
CA LYS A 405 -9.93 -7.00 -4.41
C LYS A 405 -8.82 -7.62 -5.24
N GLU A 406 -8.71 -7.20 -6.50
CA GLU A 406 -7.72 -7.79 -7.40
C GLU A 406 -6.29 -7.51 -6.98
N SER A 407 -6.06 -6.44 -6.21
CA SER A 407 -4.69 -6.10 -5.82
C SER A 407 -4.10 -7.15 -4.88
N LEU A 408 -4.82 -7.50 -3.82
CA LEU A 408 -4.34 -8.52 -2.90
C LEU A 408 -4.50 -9.93 -3.45
N LEU A 409 -5.42 -10.14 -4.39
CA LEU A 409 -5.52 -11.43 -5.04
C LEU A 409 -4.32 -11.67 -5.96
N GLN A 410 -3.77 -10.60 -6.53
CA GLN A 410 -2.62 -10.69 -7.42
C GLN A 410 -1.30 -10.87 -6.66
N ASP A 411 -1.27 -10.61 -5.37
CA ASP A 411 -0.05 -10.73 -4.60
C ASP A 411 0.36 -12.20 -4.45
N LYS A 412 1.54 -12.41 -3.88
CA LYS A 412 2.07 -13.76 -3.71
C LYS A 412 1.19 -14.57 -2.77
N THR A 413 0.94 -14.05 -1.58
CA THR A 413 0.07 -14.69 -0.59
C THR A 413 -1.14 -13.82 -0.34
N LEU A 414 -2.29 -14.45 -0.15
CA LEU A 414 -3.55 -13.75 0.09
C LEU A 414 -3.67 -13.48 1.59
N ASN A 415 -3.45 -12.22 1.98
CA ASN A 415 -3.52 -11.79 3.37
C ASN A 415 -4.75 -10.91 3.54
N LEU A 416 -5.61 -11.28 4.49
CA LEU A 416 -6.84 -10.54 4.75
C LEU A 416 -6.73 -9.64 5.98
N SER A 417 -5.53 -9.47 6.53
CA SER A 417 -5.30 -8.58 7.67
C SER A 417 -5.02 -7.18 7.14
N PHE A 418 -6.11 -6.45 6.89
CA PHE A 418 -5.99 -5.13 6.31
C PHE A 418 -5.61 -4.10 7.37
N SER A 419 -5.07 -2.97 6.90
CA SER A 419 -4.68 -1.88 7.77
C SER A 419 -5.07 -0.56 7.10
N LEU A 420 -5.01 0.51 7.87
CA LEU A 420 -5.38 1.82 7.34
C LEU A 420 -4.30 2.33 6.40
N PRO A 421 -4.69 2.92 5.26
CA PRO A 421 -3.68 3.48 4.35
C PRO A 421 -3.14 4.83 4.80
N LYS A 422 -3.85 5.52 5.69
CA LYS A 422 -3.44 6.84 6.16
C LYS A 422 -2.13 6.78 6.95
N PHE A 429 7.49 15.04 9.90
CA PHE A 429 8.31 13.85 10.06
C PHE A 429 9.73 14.23 10.41
N ASP A 430 9.94 15.48 10.78
CA ASP A 430 11.26 15.96 11.18
C ASP A 430 11.52 15.46 12.59
N LYS A 431 12.66 14.83 12.75
CA LYS A 431 13.10 14.26 14.01
C LYS A 431 14.54 14.71 14.27
N GLN A 432 15.09 14.27 15.40
CA GLN A 432 16.51 14.45 15.66
C GLN A 432 17.36 13.37 15.02
N GLU A 433 16.76 12.48 14.24
CA GLU A 433 17.54 11.52 13.46
C GLU A 433 18.18 12.19 12.23
N MET A 434 17.69 13.36 11.84
CA MET A 434 18.25 14.05 10.69
C MET A 434 19.66 14.53 10.97
N ILE A 435 19.89 15.15 12.13
CA ILE A 435 21.23 15.58 12.50
C ILE A 435 22.14 14.36 12.66
N ALA A 436 21.60 13.23 13.12
CA ALA A 436 22.38 12.00 13.19
C ALA A 436 22.90 11.60 11.82
N SER A 437 22.05 11.64 10.80
CA SER A 437 22.51 11.38 9.44
C SER A 437 23.25 12.59 8.86
N LEU A 438 22.91 13.79 9.31
CA LEU A 438 23.66 14.97 8.86
C LEU A 438 25.06 14.99 9.45
N LYS A 439 25.24 14.44 10.66
CA LYS A 439 26.59 14.27 11.20
C LYS A 439 27.38 13.25 10.40
N SER A 440 26.70 12.23 9.86
CA SER A 440 27.37 11.26 9.01
C SER A 440 27.85 11.89 7.71
N GLU A 441 27.05 12.81 7.15
CA GLU A 441 27.49 13.54 5.96
C GLU A 441 28.71 14.39 6.29
N GLN A 442 28.75 14.98 7.48
CA GLN A 442 29.94 15.71 7.91
C GLN A 442 31.11 14.78 8.12
N LEU A 443 30.85 13.55 8.57
CA LEU A 443 31.90 12.54 8.65
C LEU A 443 32.47 12.25 7.27
N SER A 444 31.61 12.09 6.26
CA SER A 444 32.08 11.92 4.89
C SER A 444 32.60 13.22 4.30
N LEU A 445 32.18 14.36 4.84
CA LEU A 445 32.65 15.64 4.32
C LEU A 445 34.15 15.79 4.51
N VAL A 446 34.62 15.61 5.75
CA VAL A 446 36.05 15.67 6.03
C VAL A 446 36.78 14.41 5.57
N THR A 447 36.08 13.29 5.43
CA THR A 447 36.71 12.04 5.00
C THR A 447 37.45 12.22 3.68
N SER A 448 36.84 12.93 2.73
CA SER A 448 37.40 13.04 1.39
C SER A 448 38.23 14.29 1.17
N ILE A 449 37.89 15.42 1.83
CA ILE A 449 38.61 16.65 1.57
C ILE A 449 40.00 16.62 2.20
N GLU A 450 40.15 15.95 3.34
CA GLU A 450 41.48 15.76 3.89
C GLU A 450 42.30 14.83 3.03
N ASN A 451 41.64 13.81 2.46
CA ASN A 451 42.32 12.95 1.49
C ASN A 451 42.61 13.73 0.21
N HIS A 452 41.71 14.63 -0.18
CA HIS A 452 41.93 15.47 -1.36
C HIS A 452 43.02 16.50 -1.10
N PHE A 453 43.07 17.06 0.12
CA PHE A 453 44.11 18.01 0.47
C PHE A 453 45.50 17.40 0.31
N ASP A 454 45.75 16.27 1.00
CA ASP A 454 47.09 15.72 1.02
C ASP A 454 47.46 15.02 -0.28
N TYR A 455 46.48 14.68 -1.12
CA TYR A 455 46.80 14.12 -2.43
C TYR A 455 47.18 15.21 -3.44
N MET A 456 46.86 16.47 -3.15
CA MET A 456 47.26 17.58 -4.01
C MET A 456 48.68 18.07 -3.74
N SER A 457 49.30 17.64 -2.63
CA SER A 457 50.59 18.15 -2.22
C SER A 457 51.74 17.24 -2.62
N LEU A 458 51.53 16.36 -3.60
CA LEU A 458 52.56 15.39 -3.96
C LEU A 458 53.71 16.06 -4.70
N ASN A 459 53.40 16.90 -5.68
CA ASN A 459 54.40 17.63 -6.47
C ASN A 459 55.40 16.68 -7.11
N LEU A 460 54.88 15.79 -7.96
CA LEU A 460 55.72 14.85 -8.68
C LEU A 460 56.50 15.59 -9.75
N GLU A 461 57.83 15.52 -9.69
CA GLU A 461 58.66 16.25 -10.63
C GLU A 461 58.50 15.69 -12.04
N CYS A 462 58.71 16.56 -13.03
CA CYS A 462 58.63 16.15 -14.43
C CYS A 462 59.39 17.15 -15.28
N LYS A 463 59.96 16.66 -16.38
CA LYS A 463 60.67 17.49 -17.34
C LYS A 463 60.09 17.25 -18.72
N TYR A 464 59.88 18.32 -19.48
CA TYR A 464 59.29 18.22 -20.80
C TYR A 464 60.37 17.87 -21.82
N ILE A 465 60.16 16.79 -22.57
CA ILE A 465 61.12 16.41 -23.59
C ILE A 465 60.92 17.24 -24.86
N HIS A 466 59.67 17.46 -25.26
CA HIS A 466 59.35 18.22 -26.45
C HIS A 466 58.65 19.52 -26.06
N GLN A 467 58.62 20.46 -27.01
CA GLN A 467 57.87 21.71 -26.90
C GLN A 467 57.29 21.97 -28.28
N VAL A 468 56.25 21.21 -28.62
CA VAL A 468 55.69 21.21 -29.97
C VAL A 468 54.54 22.20 -30.05
N LYS A 469 53.94 22.29 -31.24
CA LYS A 469 52.75 23.09 -31.49
C LYS A 469 51.62 22.18 -31.92
N LEU A 470 50.38 22.61 -31.67
CA LEU A 470 49.23 21.83 -32.11
C LEU A 470 49.15 21.71 -33.63
N LYS A 471 49.89 22.55 -34.35
CA LYS A 471 49.87 22.51 -35.80
C LYS A 471 50.45 21.20 -36.34
N ASP A 472 51.56 20.75 -35.77
CA ASP A 472 52.28 19.57 -36.26
C ASP A 472 52.33 18.50 -35.18
N ILE A 473 51.17 17.94 -34.85
CA ILE A 473 51.09 16.84 -33.89
C ILE A 473 49.76 16.11 -34.05
N CYS A 474 48.72 16.84 -34.45
CA CYS A 474 47.38 16.29 -34.52
C CYS A 474 46.67 16.86 -35.75
N LYS A 475 45.46 16.37 -35.99
CA LYS A 475 44.62 16.81 -37.10
C LYS A 475 43.32 17.36 -36.53
N LEU A 476 43.06 18.64 -36.78
CA LEU A 476 41.89 19.34 -36.26
C LEU A 476 40.92 19.59 -37.42
N ARG A 477 39.81 18.86 -37.45
CA ARG A 477 38.78 19.05 -38.45
C ARG A 477 37.41 18.93 -37.79
N SER A 478 36.57 19.94 -37.99
CA SER A 478 35.23 19.93 -37.43
C SER A 478 34.30 19.11 -38.31
N GLY A 479 33.20 18.65 -37.71
CA GLY A 479 32.21 17.88 -38.43
C GLY A 479 31.13 18.75 -39.05
N ASP A 480 30.19 18.10 -39.73
CA ASP A 480 29.10 18.80 -40.36
C ASP A 480 27.91 18.93 -39.40
N LYS A 481 26.87 19.61 -39.86
CA LYS A 481 25.69 19.87 -39.04
C LYS A 481 24.63 18.82 -39.33
N LEU A 482 24.13 18.19 -38.27
CA LEU A 482 23.04 17.22 -38.39
C LEU A 482 21.71 17.92 -38.19
N ASN A 483 20.70 17.45 -38.92
CA ASN A 483 19.39 18.11 -38.97
C ASN A 483 18.45 17.62 -37.88
N LYS A 484 18.97 17.26 -36.70
CA LYS A 484 18.13 16.83 -35.58
C LYS A 484 17.25 15.64 -35.94
N SER A 485 17.80 14.73 -36.77
CA SER A 485 17.04 13.56 -37.19
C SER A 485 16.79 12.62 -36.02
N GLU A 486 17.84 12.34 -35.24
CA GLU A 486 17.76 11.41 -34.11
C GLU A 486 18.36 12.07 -32.88
N VAL A 487 17.62 12.01 -31.77
CA VAL A 487 18.12 12.50 -30.49
C VAL A 487 17.51 11.61 -29.41
N MET A 488 17.93 10.34 -29.41
CA MET A 488 17.37 9.36 -28.49
C MET A 488 17.90 9.57 -27.08
N ASP A 489 17.10 9.19 -26.10
CA ASP A 489 17.53 9.32 -24.70
C ASP A 489 18.66 8.36 -24.39
N SER A 490 18.53 7.10 -24.80
CA SER A 490 19.55 6.09 -24.58
C SER A 490 20.00 5.52 -25.92
N GLY A 491 21.18 4.92 -25.92
CA GLY A 491 21.74 4.30 -27.11
C GLY A 491 23.16 3.81 -26.94
N GLU A 492 23.58 2.88 -27.79
CA GLU A 492 24.94 2.37 -27.78
C GLU A 492 25.91 3.25 -28.55
N PHE A 493 25.44 4.37 -29.10
CA PHE A 493 26.24 5.22 -29.96
C PHE A 493 25.98 6.69 -29.61
N PRO A 494 27.03 7.47 -29.35
CA PRO A 494 26.82 8.86 -28.90
C PRO A 494 27.08 9.91 -29.96
N VAL A 495 26.72 11.16 -29.65
CA VAL A 495 26.95 12.32 -30.52
C VAL A 495 27.36 13.48 -29.64
N TYR A 496 28.44 14.18 -30.03
CA TYR A 496 28.97 15.30 -29.27
C TYR A 496 28.63 16.61 -29.98
N GLY A 497 28.14 17.58 -29.21
CA GLY A 497 27.80 18.89 -29.73
C GLY A 497 28.76 19.97 -29.31
N GLY A 498 28.27 21.22 -29.25
CA GLY A 498 29.14 22.33 -28.85
C GLY A 498 29.63 22.21 -27.43
N ASN A 499 28.80 21.69 -26.54
CA ASN A 499 29.18 21.46 -25.16
C ASN A 499 28.38 20.27 -24.63
N GLY A 500 29.09 19.28 -24.09
CA GLY A 500 28.45 18.10 -23.56
C GLY A 500 28.06 17.11 -24.66
N VAL A 501 27.34 16.08 -24.23
CA VAL A 501 26.93 14.99 -25.10
C VAL A 501 25.41 15.07 -25.26
N ILE A 502 24.96 15.45 -26.46
CA ILE A 502 23.54 15.54 -26.78
C ILE A 502 23.30 14.73 -28.06
N GLY A 503 22.43 13.74 -27.96
CA GLY A 503 22.09 12.95 -29.14
C GLY A 503 22.73 11.58 -29.10
N PHE A 504 22.07 10.62 -29.77
CA PHE A 504 22.53 9.24 -29.82
C PHE A 504 22.27 8.65 -31.22
N ASN A 505 22.93 9.21 -32.23
CA ASN A 505 22.74 8.75 -33.60
C ASN A 505 23.48 7.44 -33.82
N VAL A 506 22.96 6.64 -34.77
CA VAL A 506 23.49 5.31 -35.03
C VAL A 506 24.63 5.31 -36.05
N GLU A 507 24.94 6.47 -36.65
CA GLU A 507 25.99 6.53 -37.65
C GLU A 507 27.18 7.31 -37.11
N PRO A 508 28.39 6.74 -37.16
CA PRO A 508 29.57 7.47 -36.72
C PRO A 508 30.11 8.39 -37.80
N ASN A 509 30.73 9.48 -37.34
CA ASN A 509 31.47 10.39 -38.22
C ASN A 509 32.97 10.20 -38.07
N ARG A 510 33.47 10.21 -36.84
CA ARG A 510 34.89 10.01 -36.55
C ARG A 510 35.04 8.67 -35.84
N HIS A 511 35.58 7.67 -36.56
CA HIS A 511 35.73 6.35 -36.00
C HIS A 511 36.75 6.31 -34.87
N GLY A 512 37.68 7.25 -34.85
CA GLY A 512 38.70 7.24 -33.82
C GLY A 512 38.14 7.64 -32.46
N ASP A 513 38.68 7.03 -31.41
CA ASP A 513 38.27 7.35 -30.04
C ASP A 513 39.24 8.39 -29.49
N SER A 514 38.98 9.65 -29.84
CA SER A 514 39.94 10.71 -29.59
C SER A 514 39.35 11.84 -28.75
N ILE A 515 39.81 13.07 -28.99
CA ILE A 515 39.44 14.23 -28.18
C ILE A 515 38.61 15.18 -29.03
N VAL A 516 37.57 15.74 -28.44
CA VAL A 516 36.73 16.72 -29.11
C VAL A 516 36.73 18.01 -28.27
N ILE A 517 36.59 19.14 -28.97
CA ILE A 517 36.61 20.46 -28.34
C ILE A 517 35.46 21.28 -28.89
N GLY A 518 34.79 22.02 -28.01
CA GLY A 518 33.73 22.91 -28.44
C GLY A 518 34.27 24.10 -29.21
N LYS A 519 33.47 24.58 -30.15
CA LYS A 519 33.91 25.63 -31.07
C LYS A 519 33.02 26.87 -31.03
N VAL A 520 31.72 26.71 -31.26
CA VAL A 520 30.85 27.86 -31.51
C VAL A 520 30.04 28.27 -30.30
N GLY A 521 29.92 27.44 -29.28
CA GLY A 521 29.09 27.75 -28.14
C GLY A 521 29.69 28.84 -27.25
N ALA A 522 28.88 29.28 -26.28
CA ALA A 522 29.39 30.18 -25.26
C ALA A 522 30.30 29.45 -24.27
N HIS A 523 30.13 28.14 -24.14
CA HIS A 523 31.05 27.29 -23.39
C HIS A 523 32.07 26.62 -24.31
N CYS A 524 32.45 27.29 -25.39
CA CYS A 524 33.42 26.73 -26.33
C CYS A 524 34.77 26.57 -25.66
N GLY A 525 35.61 25.74 -26.27
CA GLY A 525 36.86 25.36 -25.66
C GLY A 525 36.75 24.26 -24.63
N ASN A 526 35.55 23.77 -24.36
CA ASN A 526 35.39 22.64 -23.44
C ASN A 526 36.06 21.40 -24.03
N ILE A 527 36.81 20.70 -23.18
CA ILE A 527 37.57 19.53 -23.58
C ILE A 527 36.82 18.30 -23.11
N HIS A 528 36.31 17.51 -24.05
CA HIS A 528 35.62 16.27 -23.75
C HIS A 528 36.35 15.12 -24.42
N PHE A 529 36.71 14.12 -23.63
CA PHE A 529 37.43 12.95 -24.12
C PHE A 529 36.46 11.81 -24.38
N SER A 530 36.57 11.21 -25.56
CA SER A 530 35.69 10.12 -25.99
C SER A 530 36.47 8.83 -26.05
N THR A 531 35.95 7.80 -25.37
CA THR A 531 36.56 6.48 -25.36
C THR A 531 36.00 5.56 -26.44
N GLN A 532 35.02 6.02 -27.21
CA GLN A 532 34.32 5.18 -28.18
C GLN A 532 33.95 6.03 -29.38
N PRO A 533 33.66 5.40 -30.53
CA PRO A 533 33.32 6.18 -31.74
C PRO A 533 32.06 7.00 -31.54
N TYR A 534 31.88 7.99 -32.42
CA TYR A 534 30.75 8.91 -32.31
C TYR A 534 30.60 9.66 -33.61
N TRP A 535 29.62 10.56 -33.64
CA TRP A 535 29.39 11.50 -34.74
C TRP A 535 29.70 12.90 -34.24
N LEU A 536 30.29 13.72 -35.11
CA LEU A 536 30.74 15.05 -34.73
C LEU A 536 29.81 16.10 -35.32
N THR A 537 29.21 16.91 -34.44
CA THR A 537 28.35 18.01 -34.86
C THR A 537 29.18 19.17 -35.39
N SER A 538 28.52 20.07 -36.10
CA SER A 538 29.18 21.25 -36.64
C SER A 538 29.58 22.25 -35.56
N ASN A 539 29.13 22.06 -34.32
CA ASN A 539 29.46 22.97 -33.24
C ASN A 539 30.74 22.59 -32.51
N ALA A 540 31.43 21.54 -32.94
CA ALA A 540 32.65 21.09 -32.29
C ALA A 540 33.64 20.63 -33.35
N MET A 541 34.89 20.42 -32.92
CA MET A 541 35.97 20.02 -33.80
C MET A 541 36.71 18.84 -33.18
N SER A 542 37.16 17.92 -34.03
CA SER A 542 37.79 16.68 -33.60
C SER A 542 39.31 16.80 -33.68
N LEU A 543 39.98 16.33 -32.63
CA LEU A 543 41.44 16.30 -32.55
C LEU A 543 41.89 14.84 -32.63
N GLU A 544 42.70 14.52 -33.64
CA GLU A 544 43.24 13.17 -33.80
C GLU A 544 44.74 13.29 -34.05
N LEU A 545 45.52 12.63 -33.20
CA LEU A 545 46.97 12.79 -33.20
C LEU A 545 47.59 12.18 -34.45
N LEU A 546 48.63 12.83 -34.97
CA LEU A 546 49.29 12.35 -36.18
C LEU A 546 50.23 11.18 -35.86
N ASP A 547 51.02 11.31 -34.80
CA ASP A 547 51.95 10.27 -34.37
C ASP A 547 51.66 9.93 -32.92
N THR A 548 51.35 8.66 -32.67
CA THR A 548 51.06 8.17 -31.33
C THR A 548 52.31 8.02 -30.46
N THR A 549 53.49 8.27 -31.03
CA THR A 549 54.74 8.08 -30.31
C THR A 549 55.13 9.27 -29.44
N LYS A 550 54.35 10.34 -29.43
CA LYS A 550 54.74 11.57 -28.77
C LYS A 550 53.83 11.99 -27.63
N VAL A 551 52.52 11.83 -27.78
CA VAL A 551 51.55 12.38 -26.82
C VAL A 551 50.59 11.29 -26.36
N TYR A 552 50.20 11.36 -25.10
CA TYR A 552 49.13 10.54 -24.54
C TYR A 552 47.87 11.40 -24.48
N LEU A 553 46.84 10.98 -25.21
CA LEU A 553 45.64 11.78 -25.38
C LEU A 553 45.06 12.32 -24.07
N PRO A 554 44.91 11.52 -22.99
CA PRO A 554 44.41 12.11 -21.74
C PRO A 554 45.31 13.19 -21.18
N TYR A 555 46.63 13.11 -21.37
CA TYR A 555 47.49 14.21 -20.93
C TYR A 555 47.28 15.44 -21.77
N LEU A 556 47.06 15.27 -23.07
CA LEU A 556 46.78 16.42 -23.93
C LEU A 556 45.41 17.01 -23.61
N ALA A 557 44.44 16.16 -23.26
CA ALA A 557 43.11 16.66 -22.92
C ALA A 557 43.17 17.54 -21.68
N HIS A 558 43.98 17.16 -20.70
CA HIS A 558 44.11 17.98 -19.49
C HIS A 558 44.89 19.26 -19.78
N VAL A 559 45.92 19.19 -20.62
CA VAL A 559 46.73 20.37 -20.90
C VAL A 559 46.00 21.33 -21.82
N LEU A 560 45.10 20.82 -22.67
CA LEU A 560 44.22 21.68 -23.43
C LEU A 560 43.15 22.30 -22.55
N LYS A 561 42.69 21.55 -21.54
CA LYS A 561 41.76 22.10 -20.56
C LYS A 561 42.42 23.17 -19.71
N SER A 562 43.73 23.04 -19.46
CA SER A 562 44.44 24.00 -18.63
C SER A 562 44.70 25.32 -19.35
N LEU A 563 44.70 25.32 -20.68
CA LEU A 563 45.03 26.52 -21.44
C LEU A 563 43.90 27.53 -21.51
N GLU A 564 42.69 27.16 -21.07
CA GLU A 564 41.53 28.04 -21.13
C GLU A 564 41.31 28.55 -22.55
N LEU A 565 40.79 27.70 -23.42
CA LEU A 565 40.67 28.02 -24.84
C LEU A 565 39.64 29.11 -25.12
N ASN A 566 38.86 29.53 -24.12
CA ASN A 566 37.84 30.53 -24.35
C ASN A 566 38.42 31.91 -24.64
N ASN A 567 39.65 32.17 -24.19
CA ASN A 567 40.32 33.43 -24.52
C ASN A 567 40.68 33.49 -26.00
N LEU A 568 40.94 32.34 -26.61
CA LEU A 568 41.27 32.31 -28.03
C LEU A 568 40.09 32.75 -28.89
N ALA A 569 38.86 32.53 -28.41
CA ALA A 569 37.68 32.83 -29.21
C ALA A 569 37.46 34.33 -29.32
N THR A 570 36.88 34.74 -30.44
CA THR A 570 36.49 36.12 -30.67
C THR A 570 35.06 36.17 -31.19
N GLY A 571 34.43 37.31 -31.00
CA GLY A 571 33.05 37.47 -31.41
C GLY A 571 32.33 38.45 -30.51
N THR A 572 31.17 38.90 -31.00
CA THR A 572 30.35 39.88 -30.28
C THR A 572 29.10 39.21 -29.72
N ALA A 573 28.14 38.85 -30.56
CA ALA A 573 26.93 38.19 -30.07
C ALA A 573 27.20 36.76 -29.65
N GLN A 574 28.26 36.14 -30.16
CA GLN A 574 28.61 34.77 -29.83
C GLN A 574 30.12 34.60 -29.90
N LYS A 575 30.63 33.63 -29.15
CA LYS A 575 32.04 33.33 -29.11
C LYS A 575 32.35 32.16 -30.03
N PHE A 576 33.41 32.29 -30.81
CA PHE A 576 33.75 31.32 -31.84
C PHE A 576 35.26 31.11 -31.89
N ILE A 577 35.68 29.85 -31.96
CA ILE A 577 37.09 29.49 -32.07
C ILE A 577 37.37 29.08 -33.50
N SER A 578 38.39 29.69 -34.10
CA SER A 578 38.78 29.35 -35.46
C SER A 578 39.71 28.13 -35.46
N ILE A 579 39.62 27.33 -36.52
CA ILE A 579 40.44 26.14 -36.62
C ILE A 579 41.91 26.52 -36.78
N ASN A 580 42.19 27.61 -37.48
CA ASN A 580 43.57 28.05 -37.65
C ASN A 580 44.15 28.54 -36.33
N LYS A 581 43.35 29.21 -35.51
CA LYS A 581 43.86 29.73 -34.25
C LYS A 581 44.18 28.61 -33.26
N LEU A 582 43.54 27.46 -33.39
CA LEU A 582 43.86 26.33 -32.54
C LEU A 582 45.16 25.65 -32.96
N TYR A 583 45.48 25.71 -34.26
CA TYR A 583 46.74 25.13 -34.73
C TYR A 583 47.94 25.87 -34.16
N GLU A 584 47.81 27.18 -33.92
CA GLU A 584 48.90 28.01 -33.44
C GLU A 584 49.09 27.94 -31.93
N VAL A 585 48.50 26.98 -31.25
CA VAL A 585 48.59 26.87 -29.80
C VAL A 585 49.78 25.99 -29.44
N GLU A 586 50.64 26.51 -28.57
CA GLU A 586 51.82 25.78 -28.13
C GLU A 586 51.53 24.98 -26.88
N VAL A 587 52.05 23.76 -26.83
CA VAL A 587 51.85 22.84 -25.71
C VAL A 587 53.15 22.10 -25.45
N SER A 588 53.60 22.13 -24.19
CA SER A 588 54.80 21.43 -23.77
C SER A 588 54.40 20.13 -23.08
N LEU A 589 55.00 19.02 -23.52
CA LEU A 589 54.64 17.72 -22.98
C LEU A 589 55.88 16.92 -22.65
N PRO A 590 55.81 16.03 -21.67
CA PRO A 590 56.97 15.21 -21.31
C PRO A 590 56.97 13.86 -22.00
N SER A 591 57.57 12.87 -21.35
CA SER A 591 57.65 11.53 -21.91
C SER A 591 56.37 10.75 -21.64
N LEU A 592 56.14 9.72 -22.46
CA LEU A 592 54.94 8.91 -22.33
C LEU A 592 54.89 8.22 -20.97
N GLU A 593 56.03 7.77 -20.46
CA GLU A 593 56.08 7.20 -19.12
C GLU A 593 55.59 8.21 -18.08
N LYS A 594 55.90 9.50 -18.28
CA LYS A 594 55.48 10.50 -17.32
C LYS A 594 54.09 11.03 -17.62
N GLN A 595 53.72 11.12 -18.89
CA GLN A 595 52.40 11.62 -19.26
C GLN A 595 51.28 10.79 -18.63
N ARG A 596 51.42 9.46 -18.66
CA ARG A 596 50.41 8.61 -18.02
C ARG A 596 50.44 8.75 -16.51
N GLU A 597 51.63 8.93 -15.93
CA GLU A 597 51.72 9.13 -14.49
C GLU A 597 51.09 10.46 -14.10
N MET A 598 51.27 11.50 -14.92
CA MET A 598 50.69 12.80 -14.62
C MET A 598 49.19 12.81 -14.92
N SER A 599 48.78 12.16 -16.01
CA SER A 599 47.35 12.10 -16.34
C SER A 599 46.56 11.39 -15.24
N GLU A 600 47.12 10.31 -14.69
CA GLU A 600 46.45 9.63 -13.58
C GLU A 600 46.41 10.50 -12.34
N TRP A 601 47.44 11.32 -12.11
CA TRP A 601 47.37 12.29 -11.02
C TRP A 601 46.40 13.41 -11.35
N PHE A 602 46.39 13.87 -12.60
CA PHE A 602 45.50 14.97 -13.00
C PHE A 602 44.05 14.54 -12.96
N THR A 603 43.74 13.31 -13.41
CA THR A 603 42.36 12.88 -13.48
C THR A 603 41.79 12.60 -12.09
N SER A 604 42.61 12.11 -11.17
CA SER A 604 42.11 11.76 -9.85
C SER A 604 41.77 13.01 -9.04
N ILE A 605 42.65 14.02 -9.08
CA ILE A 605 42.36 15.26 -8.36
C ILE A 605 41.15 15.96 -8.97
N GLU A 606 40.93 15.79 -10.27
CA GLU A 606 39.77 16.41 -10.90
C GLU A 606 38.47 15.73 -10.47
N GLU A 607 38.47 14.39 -10.42
CA GLU A 607 37.27 13.67 -10.00
C GLU A 607 36.90 14.02 -8.56
N SER A 608 37.90 14.14 -7.68
CA SER A 608 37.62 14.51 -6.31
C SER A 608 37.05 15.93 -6.22
N LYS A 609 37.50 16.82 -7.10
CA LYS A 609 36.95 18.18 -7.12
C LYS A 609 35.47 18.17 -7.47
N SER A 610 35.10 17.41 -8.50
CA SER A 610 33.69 17.35 -8.91
C SER A 610 32.84 16.68 -7.86
N LYS A 611 33.36 15.62 -7.23
CA LYS A 611 32.58 14.88 -6.23
C LYS A 611 32.43 15.67 -4.94
N ILE A 612 33.52 16.28 -4.46
CA ILE A 612 33.46 17.00 -3.19
C ILE A 612 32.55 18.22 -3.30
N GLN A 613 32.65 18.95 -4.42
CA GLN A 613 31.75 20.08 -4.62
C GLN A 613 30.31 19.62 -4.78
N SER A 614 30.10 18.47 -5.42
CA SER A 614 28.75 17.94 -5.55
C SER A 614 28.17 17.57 -4.20
N LEU A 615 28.97 16.92 -3.34
CA LEU A 615 28.50 16.61 -1.99
C LEU A 615 28.36 17.86 -1.15
N LEU A 616 29.17 18.88 -1.41
CA LEU A 616 29.00 20.16 -0.71
C LEU A 616 27.66 20.79 -1.08
N ALA A 617 27.27 20.73 -2.35
CA ALA A 617 25.99 21.30 -2.76
C ALA A 617 24.83 20.55 -2.12
N ASP A 618 24.92 19.21 -2.07
CA ASP A 618 23.90 18.44 -1.37
C ASP A 618 23.90 18.75 0.12
N PHE A 619 25.10 18.84 0.72
CA PHE A 619 25.20 19.15 2.14
C PHE A 619 24.76 20.57 2.44
N SER A 620 24.96 21.50 1.50
CA SER A 620 24.59 22.89 1.74
C SER A 620 23.08 23.04 1.86
N ARG A 621 22.33 22.48 0.92
CA ARG A 621 20.88 22.59 0.96
C ARG A 621 20.26 21.70 2.03
N ASN A 622 20.89 20.56 2.34
CA ASN A 622 20.34 19.68 3.38
C ASN A 622 20.44 20.31 4.76
N LEU A 623 21.50 21.07 5.02
CA LEU A 623 21.57 21.81 6.27
C LEU A 623 20.54 22.92 6.33
N GLY A 624 20.19 23.49 5.17
CA GLY A 624 19.18 24.54 5.15
C GLY A 624 17.79 24.01 5.46
N THR A 625 17.43 22.86 4.90
CA THR A 625 16.12 22.28 5.18
C THR A 625 16.06 21.72 6.60
N ILE A 626 17.18 21.22 7.12
CA ILE A 626 17.20 20.72 8.49
C ILE A 626 17.03 21.87 9.48
N SER A 627 17.65 23.01 9.19
CA SER A 627 17.58 24.15 10.10
C SER A 627 16.21 24.82 10.05
N THR A 628 15.59 24.87 8.87
CA THR A 628 14.28 25.50 8.76
C THR A 628 13.19 24.63 9.38
N GLU A 629 13.13 23.35 8.98
CA GLU A 629 12.07 22.48 9.49
C GLU A 629 12.19 22.27 10.99
N SER A 630 13.40 22.38 11.55
CA SER A 630 13.54 22.35 13.00
C SER A 630 12.98 23.61 13.64
N ILE A 631 13.07 24.74 12.95
CA ILE A 631 12.46 25.97 13.45
C ILE A 631 10.94 25.86 13.40
N THR A 632 10.41 25.37 12.27
CA THR A 632 8.97 25.19 12.16
C THR A 632 8.43 24.15 13.14
N GLU A 633 9.30 23.26 13.63
CA GLU A 633 8.88 22.24 14.58
C GLU A 633 8.36 22.85 15.87
N LYS A 634 9.05 23.88 16.37
CA LYS A 634 8.70 24.51 17.64
C LYS A 634 7.82 25.74 17.48
N ALA A 635 7.58 26.20 16.25
CA ALA A 635 6.72 27.34 16.00
C ALA A 635 5.31 26.96 15.57
N LEU A 636 5.11 25.73 15.09
CA LEU A 636 3.82 25.26 14.62
C LEU A 636 3.47 23.95 15.31
N LYS A 637 2.26 23.87 15.86
CA LYS A 637 1.76 22.62 16.41
C LYS A 637 1.06 21.76 15.36
N GLY A 638 0.64 22.35 14.25
CA GLY A 638 -0.03 21.61 13.19
C GLY A 638 -1.27 22.31 12.69
N ALA B 2 4.89 47.12 -33.27
CA ALA B 2 5.58 47.76 -34.38
C ALA B 2 7.01 48.13 -34.00
N MET B 3 7.24 49.44 -33.87
CA MET B 3 8.54 50.01 -33.50
C MET B 3 9.61 49.69 -34.53
N SER B 4 9.95 48.41 -34.70
CA SER B 4 11.01 48.00 -35.61
C SER B 4 10.43 47.15 -36.74
N ASN B 5 10.72 47.53 -37.97
CA ASN B 5 10.30 46.76 -39.14
C ASN B 5 11.27 45.63 -39.47
N MET B 6 12.35 45.49 -38.71
CA MET B 6 13.32 44.43 -38.97
C MET B 6 12.74 43.07 -38.60
N THR B 7 12.88 42.11 -39.51
CA THR B 7 12.42 40.74 -39.30
C THR B 7 13.60 39.79 -39.41
N TYR B 8 13.33 38.51 -39.19
CA TYR B 8 14.39 37.51 -39.29
C TYR B 8 14.87 37.37 -40.74
N ASN B 9 13.94 37.29 -41.68
CA ASN B 9 14.33 37.18 -43.08
C ASN B 9 14.97 38.46 -43.60
N ASN B 10 14.70 39.60 -42.96
CA ASN B 10 15.52 40.78 -43.21
C ASN B 10 16.94 40.55 -42.70
N VAL B 11 17.07 39.98 -41.49
CA VAL B 11 18.38 39.70 -40.93
C VAL B 11 19.07 38.59 -41.73
N PHE B 12 18.32 37.59 -42.17
CA PHE B 12 18.92 36.49 -42.92
C PHE B 12 19.47 36.94 -44.26
N ASP B 13 18.72 37.78 -44.99
CA ASP B 13 19.22 38.30 -46.25
C ASP B 13 20.46 39.14 -46.04
N HIS B 14 20.53 39.88 -44.93
CA HIS B 14 21.75 40.60 -44.59
C HIS B 14 22.90 39.63 -44.35
N ALA B 15 22.62 38.49 -43.72
CA ALA B 15 23.68 37.51 -43.47
C ALA B 15 23.98 36.67 -44.71
N TYR B 16 22.98 36.43 -45.57
CA TYR B 16 23.20 35.63 -46.76
C TYR B 16 24.02 36.38 -47.80
N GLU B 17 23.73 37.67 -48.01
CA GLU B 17 24.47 38.44 -49.00
C GLU B 17 25.88 38.74 -48.54
N MET B 18 26.11 38.81 -47.22
CA MET B 18 27.48 38.90 -46.73
C MET B 18 28.26 37.64 -47.02
N LEU B 19 27.60 36.48 -47.00
CA LEU B 19 28.29 35.24 -47.33
C LEU B 19 28.57 35.16 -48.83
N LYS B 20 27.67 35.70 -49.66
CA LYS B 20 27.96 35.82 -51.08
C LYS B 20 29.19 36.70 -51.32
N GLU B 21 29.33 37.76 -50.53
CA GLU B 21 30.50 38.63 -50.65
C GLU B 21 31.74 37.97 -50.04
N ASN B 22 31.57 37.29 -48.90
CA ASN B 22 32.72 36.67 -48.25
C ASN B 22 33.27 35.52 -49.07
N ILE B 23 32.39 34.70 -49.67
CA ILE B 23 32.85 33.54 -50.42
C ILE B 23 33.65 33.97 -51.65
N ARG B 24 33.15 34.98 -52.38
CA ARG B 24 33.78 35.34 -53.65
C ARG B 24 35.11 36.05 -53.44
N TYR B 25 35.20 36.92 -52.42
CA TYR B 25 36.41 37.71 -52.23
C TYR B 25 37.55 36.88 -51.64
N ASP B 26 37.22 35.87 -50.83
CA ASP B 26 38.23 35.11 -50.10
C ASP B 26 38.43 33.71 -50.66
N ASP B 27 37.89 33.41 -51.84
CA ASP B 27 38.03 32.10 -52.48
C ASP B 27 37.48 31.00 -51.59
N ILE B 28 38.12 30.79 -50.44
CA ILE B 28 37.82 29.74 -49.45
C ILE B 28 37.36 28.46 -50.13
N ARG B 29 38.27 27.82 -50.87
CA ARG B 29 37.92 26.56 -51.54
C ARG B 29 37.75 25.43 -50.53
N ASP B 30 38.45 25.49 -49.41
CA ASP B 30 38.30 24.47 -48.37
C ASP B 30 36.93 24.62 -47.71
N THR B 31 36.22 23.49 -47.55
CA THR B 31 34.89 23.55 -46.98
C THR B 31 34.91 23.85 -45.49
N ASP B 32 36.04 23.65 -44.81
CA ASP B 32 36.15 23.98 -43.40
C ASP B 32 36.47 25.46 -43.16
N ASP B 33 36.78 26.21 -44.22
CA ASP B 33 36.92 27.65 -44.11
C ASP B 33 35.57 28.36 -44.15
N LEU B 34 34.51 27.68 -44.58
CA LEU B 34 33.18 28.25 -44.54
C LEU B 34 32.70 28.47 -43.11
N HIS B 35 33.13 27.61 -42.18
CA HIS B 35 32.73 27.75 -40.79
C HIS B 35 33.16 29.11 -40.24
N ASP B 36 34.41 29.49 -40.50
CA ASP B 36 34.87 30.83 -40.14
C ASP B 36 34.20 31.90 -41.00
N ALA B 37 33.71 31.53 -42.18
CA ALA B 37 33.09 32.50 -43.07
C ALA B 37 31.62 32.73 -42.70
N ILE B 38 30.86 31.66 -42.49
CA ILE B 38 29.44 31.82 -42.15
C ILE B 38 29.31 32.49 -40.78
N HIS B 39 30.27 32.26 -39.88
CA HIS B 39 30.20 32.89 -38.57
C HIS B 39 30.33 34.40 -38.67
N MET B 40 31.20 34.88 -39.56
CA MET B 40 31.39 36.32 -39.70
C MET B 40 30.15 36.98 -40.28
N ALA B 41 29.46 36.30 -41.20
CA ALA B 41 28.22 36.85 -41.74
C ALA B 41 27.10 36.79 -40.72
N ALA B 42 27.06 35.73 -39.91
CA ALA B 42 25.99 35.59 -38.92
C ALA B 42 26.21 36.51 -37.73
N ASP B 43 27.44 36.52 -37.19
CA ASP B 43 27.74 37.34 -36.02
C ASP B 43 27.49 38.83 -36.30
N ASN B 44 27.85 39.28 -37.50
CA ASN B 44 27.66 40.70 -37.84
C ASN B 44 26.21 41.04 -38.12
N ALA B 45 25.41 40.07 -38.57
CA ALA B 45 24.01 40.32 -38.88
C ALA B 45 23.13 40.34 -37.65
N VAL B 46 23.59 39.77 -36.53
CA VAL B 46 22.75 39.70 -35.33
C VAL B 46 22.54 41.11 -34.78
N PRO B 47 21.31 41.51 -34.48
CA PRO B 47 21.07 42.84 -33.90
C PRO B 47 21.50 42.88 -32.43
N HIS B 48 21.57 44.10 -31.90
CA HIS B 48 21.92 44.31 -30.50
C HIS B 48 20.95 45.20 -29.74
N TYR B 49 19.95 45.79 -30.40
CA TYR B 49 18.99 46.65 -29.73
C TYR B 49 17.80 45.83 -29.26
N TYR B 50 17.16 46.30 -28.19
CA TYR B 50 16.05 45.55 -27.62
C TYR B 50 14.84 45.55 -28.54
N ALA B 51 14.62 46.65 -29.28
CA ALA B 51 13.50 46.68 -30.21
C ALA B 51 13.76 45.77 -31.42
N ASP B 52 15.01 45.71 -31.88
CA ASP B 52 15.32 44.88 -33.04
C ASP B 52 15.27 43.40 -32.70
N ILE B 53 15.69 43.03 -31.49
CA ILE B 53 15.72 41.62 -31.11
C ILE B 53 14.32 41.06 -31.00
N PHE B 54 13.44 41.77 -30.29
CA PHE B 54 12.06 41.29 -30.12
C PHE B 54 11.31 41.31 -31.44
N SER B 55 11.51 42.34 -32.25
CA SER B 55 10.83 42.41 -33.54
C SER B 55 11.27 41.28 -34.46
N VAL B 56 12.55 40.91 -34.40
CA VAL B 56 13.01 39.73 -35.13
C VAL B 56 12.45 38.46 -34.50
N MET B 57 12.48 38.39 -33.16
CA MET B 57 11.93 37.22 -32.47
C MET B 57 10.44 37.08 -32.70
N ALA B 58 9.71 38.19 -32.88
CA ALA B 58 8.28 38.09 -33.11
C ALA B 58 7.96 37.68 -34.55
N SER B 59 8.89 37.91 -35.48
CA SER B 59 8.66 37.57 -36.87
C SER B 59 8.80 36.07 -37.09
N GLU B 60 8.52 35.65 -38.32
CA GLU B 60 8.56 34.24 -38.68
C GLU B 60 9.99 33.80 -38.98
N GLY B 61 10.26 32.52 -38.76
CA GLY B 61 11.54 31.92 -39.07
C GLY B 61 12.35 31.46 -37.88
N ILE B 62 11.96 31.82 -36.66
CA ILE B 62 12.73 31.48 -35.46
C ILE B 62 11.78 31.14 -34.33
N ASP B 63 12.33 30.44 -33.33
CA ASP B 63 11.64 30.10 -32.11
C ASP B 63 12.54 30.46 -30.93
N LEU B 64 12.10 30.11 -29.72
CA LEU B 64 12.95 30.14 -28.55
C LEU B 64 13.62 28.81 -28.28
N GLU B 65 13.39 27.81 -29.14
CA GLU B 65 13.93 26.47 -28.95
C GLU B 65 15.27 26.36 -29.65
N PHE B 66 16.30 25.97 -28.89
CA PHE B 66 17.63 25.79 -29.46
C PHE B 66 17.77 24.39 -30.07
N GLU B 67 18.51 24.31 -31.17
CA GLU B 67 18.85 23.00 -31.72
C GLU B 67 19.90 22.31 -30.86
N ASP B 68 20.84 23.09 -30.31
CA ASP B 68 21.89 22.56 -29.43
C ASP B 68 21.74 23.19 -28.06
N SER B 69 21.61 22.35 -27.03
CA SER B 69 21.43 22.88 -25.67
C SER B 69 22.73 23.46 -25.11
N GLY B 70 23.88 22.95 -25.55
CA GLY B 70 25.15 23.46 -25.08
C GLY B 70 25.43 24.89 -25.51
N LEU B 71 24.78 25.36 -26.57
CA LEU B 71 24.95 26.73 -27.02
C LEU B 71 24.15 27.73 -26.19
N MET B 72 23.34 27.25 -25.26
CA MET B 72 22.62 28.13 -24.35
C MET B 72 23.61 28.85 -23.43
N PRO B 73 23.50 30.18 -23.28
CA PRO B 73 24.52 30.91 -22.51
C PRO B 73 24.51 30.64 -21.02
N ASP B 74 23.48 29.98 -20.48
CA ASP B 74 23.38 29.68 -19.05
C ASP B 74 23.42 30.98 -18.23
N THR B 75 22.53 31.91 -18.58
CA THR B 75 22.46 33.20 -17.91
C THR B 75 21.01 33.58 -17.72
N LYS B 76 20.79 34.62 -16.91
CA LYS B 76 19.45 35.12 -16.64
C LYS B 76 19.03 36.24 -17.57
N ASP B 77 19.92 36.74 -18.41
CA ASP B 77 19.58 37.82 -19.34
C ASP B 77 18.93 37.23 -20.59
N VAL B 78 17.70 37.65 -20.87
CA VAL B 78 17.00 37.14 -22.04
C VAL B 78 17.59 37.74 -23.31
N ILE B 79 18.09 38.98 -23.23
CA ILE B 79 18.70 39.62 -24.39
C ILE B 79 19.84 38.78 -24.95
N ARG B 80 20.72 38.31 -24.07
CA ARG B 80 21.85 37.49 -24.50
C ARG B 80 21.36 36.13 -25.03
N ILE B 81 20.32 35.58 -24.41
CA ILE B 81 19.79 34.29 -24.85
C ILE B 81 19.17 34.41 -26.23
N LEU B 82 18.50 35.53 -26.50
CA LEU B 82 17.82 35.70 -27.78
C LEU B 82 18.82 35.99 -28.90
N GLN B 83 19.83 36.81 -28.64
CA GLN B 83 20.82 37.09 -29.68
C GLN B 83 21.70 35.87 -29.95
N ALA B 84 21.89 35.01 -28.94
CA ALA B 84 22.51 33.72 -29.21
C ALA B 84 21.54 32.79 -29.93
N ARG B 85 20.23 33.02 -29.78
CA ARG B 85 19.23 32.17 -30.42
C ARG B 85 19.10 32.49 -31.90
N ILE B 86 19.00 33.78 -32.23
CA ILE B 86 18.89 34.17 -33.64
C ILE B 86 20.17 33.78 -34.38
N TYR B 87 21.32 33.90 -33.71
CA TYR B 87 22.57 33.47 -34.32
C TYR B 87 22.57 31.98 -34.61
N GLU B 88 22.08 31.18 -33.67
CA GLU B 88 22.07 29.73 -33.85
C GLU B 88 21.24 29.33 -35.06
N GLN B 89 20.14 30.04 -35.31
CA GLN B 89 19.33 29.75 -36.49
C GLN B 89 20.02 30.22 -37.76
N LEU B 90 20.68 31.38 -37.71
CA LEU B 90 21.38 31.89 -38.89
C LEU B 90 22.45 30.93 -39.36
N THR B 91 23.16 30.29 -38.45
CA THR B 91 24.23 29.38 -38.84
C THR B 91 23.69 28.13 -39.53
N ILE B 92 22.59 27.58 -39.00
CA ILE B 92 22.00 26.39 -39.61
C ILE B 92 21.12 26.72 -40.81
N ASP B 93 20.58 27.94 -40.88
CA ASP B 93 19.86 28.34 -42.08
C ASP B 93 20.81 28.65 -43.22
N LEU B 94 21.94 29.29 -42.92
CA LEU B 94 22.95 29.54 -43.95
C LEU B 94 23.59 28.24 -44.41
N TRP B 95 23.62 27.22 -43.56
CA TRP B 95 24.41 26.02 -43.82
C TRP B 95 23.95 25.30 -45.07
N GLU B 96 22.64 25.12 -45.23
CA GLU B 96 22.13 24.40 -46.38
C GLU B 96 22.37 25.15 -47.68
N ASP B 97 22.22 26.48 -47.66
CA ASP B 97 22.43 27.28 -48.86
C ASP B 97 23.91 27.57 -49.12
N ALA B 98 24.76 27.49 -48.09
CA ALA B 98 26.16 27.87 -48.27
C ALA B 98 26.91 26.86 -49.13
N GLU B 99 26.76 25.56 -48.82
CA GLU B 99 27.48 24.54 -49.57
C GLU B 99 27.12 24.59 -51.05
N ASP B 100 25.83 24.73 -51.37
CA ASP B 100 25.43 24.94 -52.74
C ASP B 100 26.01 26.24 -53.29
N LEU B 101 25.95 27.32 -52.51
CA LEU B 101 26.48 28.60 -52.95
C LEU B 101 27.95 28.49 -53.33
N LEU B 102 28.73 27.74 -52.55
CA LEU B 102 30.13 27.54 -52.88
C LEU B 102 30.31 26.59 -54.06
N ASN B 103 29.39 25.62 -54.22
CA ASN B 103 29.52 24.64 -55.29
C ASN B 103 29.37 25.29 -56.66
N GLU B 104 28.36 26.13 -56.84
CA GLU B 104 28.16 26.83 -58.12
C GLU B 104 28.96 28.11 -58.23
N TYR B 105 29.64 28.54 -57.15
CA TYR B 105 30.49 29.72 -57.25
C TYR B 105 31.70 29.44 -58.15
N LEU B 106 32.33 28.29 -57.98
CA LEU B 106 33.53 27.96 -58.74
C LEU B 106 33.14 27.54 -60.15
N GLU B 107 32.91 28.55 -61.00
CA GLU B 107 32.72 28.34 -62.42
C GLU B 107 34.02 28.42 -63.20
N GLU B 108 35.16 28.43 -62.51
CA GLU B 108 36.45 28.61 -63.15
C GLU B 108 37.16 27.29 -63.46
N VAL B 109 36.71 26.20 -62.85
CA VAL B 109 37.29 24.88 -63.08
C VAL B 109 36.30 23.95 -63.78
N GLU B 110 35.20 24.48 -64.29
CA GLU B 110 34.18 23.67 -64.94
C GLU B 110 33.37 24.55 -65.88
N GLU B 111 32.55 23.91 -66.70
CA GLU B 111 31.69 24.62 -67.63
C GLU B 111 30.37 23.88 -67.86
N SAH C . -23.40 -18.65 18.68
CA SAH C . -23.12 -18.37 20.06
CB SAH C . -21.61 -18.27 20.23
CG SAH C . -21.03 -19.54 20.84
SD SAH C . -19.70 -20.08 19.85
C SAH C . -23.71 -17.07 20.48
O SAH C . -23.34 -16.57 21.53
OXT SAH C . -24.55 -16.56 19.78
C5' SAH C . -19.13 -21.47 20.73
C4' SAH C . -19.90 -22.66 20.21
O4' SAH C . -19.18 -23.43 19.26
C3' SAH C . -20.16 -23.57 21.37
O3' SAH C . -21.53 -23.86 21.25
C2' SAH C . -19.38 -24.80 21.01
O2' SAH C . -19.98 -25.96 21.55
C1' SAH C . -19.54 -24.77 19.52
N9 SAH C . -18.86 -25.92 18.88
C8 SAH C . -17.69 -26.49 19.14
N7 SAH C . -17.50 -27.57 18.35
C5 SAH C . -18.56 -27.70 17.59
C6 SAH C . -19.04 -28.60 16.56
N6 SAH C . -18.36 -29.64 16.09
N1 SAH C . -20.22 -28.38 16.03
C2 SAH C . -20.97 -27.37 16.42
N3 SAH C . -20.62 -26.51 17.36
C4 SAH C . -19.45 -26.63 17.97
#